data_9F0O
#
_entry.id   9F0O
#
_cell.length_a   1.00
_cell.length_b   1.00
_cell.length_c   1.00
_cell.angle_alpha   90.00
_cell.angle_beta   90.00
_cell.angle_gamma   90.00
#
_symmetry.space_group_name_H-M   'P 1'
#
loop_
_entity.id
_entity.type
_entity.pdbx_description
1 polymer 'Histone H3.2'
2 polymer 'Histone H4'
3 polymer 'Histone H2A type 1'
4 polymer 'Histone H2B 1.1'
5 polymer '601 wisdom DNA'
6 polymer '601 wisdom DNA'
7 polymer laminA_peptide
#
loop_
_entity_poly.entity_id
_entity_poly.type
_entity_poly.pdbx_seq_one_letter_code
_entity_poly.pdbx_strand_id
1 'polypeptide(L)'
;PHRYRPGTVALREIRRYQKSTELLIRKLPFQRLVREIAQDFKTDLRFQSSAVMALQEASEAYLVALFEDTNLAAIHAKRV
TIMPKDIQLARRIRGERA
;
A,E
2 'polypeptide(L)'
;KVLRDNIQGITKPAIRRLARRGGVKRISGLIYEETRGVLKVFLENVIRDAVTYTEHAKRKTVTAMDVVYALKRQGRTLYG
FGG
;
B,F
3 'polypeptide(L)'
;TRAKAKTRSSRAGLQFPVGRVHRLLRKGNYAERVGAGAPVYLAAVLEYLTAEILELAGNAARDNKKTRIIPRHLQLAVRN
DEELNKLLGRVTIAQGGVLPNIQSVLLPKK
;
C,G
4 'polypeptide(L)'
;RRKTRKESYAIYVYKVLKQVHPDTGISSKAMSIMNSFVNDVFERIAGEASRLAHYNKRSTITSREIQTAVRLLLPGELAK
HAVSEGTKAVTKYTSAK
;
D,H
5 'polydeoxyribonucleotide'
;(DT)(DA)(DT)(DC)(DG)(DA)(DG)(DA)(DA)(DT)(DC)(DC)(DC)(DG)(DG)(DT)(DG)(DC)(DC)(DG)
(DA)(DG)(DG)(DC)(DC)(DG)(DC)(DT)(DC)(DA)(DA)(DT)(DT)(DG)(DG)(DT)(DC)(DG)(DT)(DA)
(DG)(DA)(DC)(DA)(DG)(DC)(DT)(DC)(DT)(DA)(DG)(DC)(DA)(DC)(DC)(DG)(DC)(DT)(DT)(DA)
(DA)(DA)(DC)(DG)(DC)(DA)(DC)(DG)(DT)(DA)(DC)(DG)(DC)(DG)(DC)(DT)(DG)(DT)(DC)(DC)
(DC)(DC)(DC)(DG)(DC)(DG)(DT)(DT)(DT)(DT)(DA)(DA)(DC)(DC)(DG)(DC)(DC)(DA)(DA)(DG)
(DG)(DG)(DG)(DA)(DT)(DT)(DA)(DC)(DT)(DC)(DC)(DC)(DT)(DA)(DG)(DT)(DC)(DT)(DC)(DC)
(DA)(DG)(DG)(DC)(DA)(DC)(DG)(DT)(DG)(DT)(DC)(DA)(DG)(DA)(DT)(DA)(DT)(DA)(DT)(DA)
(DC)(DA)(DT)(DC)(DC)(DG)(DA)
;
I
6 'polydeoxyribonucleotide'
;(DT)(DC)(DC)(DG)(DA)(DT)(DG)(DT)(DA)(DT)(DA)(DT)(DA)(DT)(DC)(DT)(DG)(DA)(DC)(DA)
(DC)(DG)(DT)(DG)(DC)(DC)(DT)(DG)(DG)(DA)(DG)(DA)(DC)(DT)(DA)(DG)(DG)(DG)(DA)(DG)
(DT)(DA)(DA)(DT)(DC)(DC)(DC)(DC)(DT)(DT)(DG)(DG)(DC)(DG)(DG)(DT)(DT)(DA)(DA)(DA)
(DA)(DC)(DG)(DC)(DG)(DG)(DG)(DG)(DG)(DA)(DC)(DA)(DG)(DC)(DG)(DC)(DG)(DT)(DA)(DC)
(DG)(DT)(DG)(DC)(DG)(DT)(DT)(DT)(DA)(DA)(DG)(DC)(DG)(DG)(DT)(DG)(DC)(DT)(DA)(DG)
(DA)(DG)(DC)(DT)(DG)(DT)(DC)(DT)(DA)(DC)(DG)(DA)(DC)(DC)(DA)(DA)(DT)(DT)(DG)(DA)
(DG)(DC)(DG)(DG)(DC)(DC)(DT)(DC)(DG)(DG)(DC)(DA)(DC)(DC)(DG)(DG)(DG)(DA)(DT)(DT)
(DC)(DT)(DC)(DG)(DA)(DT)(DA)
;
J
7 'polypeptide(L)' AEYNLRSR K,L
#
loop_
_chem_comp.id
_chem_comp.type
_chem_comp.name
_chem_comp.formula
DA DNA linking 2'-DEOXYADENOSINE-5'-MONOPHOSPHATE 'C10 H14 N5 O6 P'
DC DNA linking 2'-DEOXYCYTIDINE-5'-MONOPHOSPHATE 'C9 H14 N3 O7 P'
DG DNA linking 2'-DEOXYGUANOSINE-5'-MONOPHOSPHATE 'C10 H14 N5 O7 P'
DT DNA linking THYMIDINE-5'-MONOPHOSPHATE 'C10 H15 N2 O8 P'
#
# COMPACT_ATOMS: atom_id res chain seq x y z
N PRO A 1 -28.40 -27.79 39.19
CA PRO A 1 -28.82 -27.05 37.99
C PRO A 1 -27.97 -27.38 36.75
N HIS A 2 -28.45 -27.02 35.55
CA HIS A 2 -27.73 -27.21 34.29
C HIS A 2 -26.55 -26.22 34.16
N ARG A 3 -25.41 -26.71 33.65
CA ARG A 3 -24.27 -25.89 33.17
C ARG A 3 -23.68 -26.46 31.88
N TYR A 4 -23.35 -25.61 30.93
CA TYR A 4 -22.39 -25.94 29.88
C TYR A 4 -20.96 -25.84 30.41
N ARG A 5 -20.05 -26.65 29.87
CA ARG A 5 -18.63 -26.70 30.24
C ARG A 5 -17.87 -25.46 29.71
N PRO A 6 -16.80 -25.01 30.37
CA PRO A 6 -15.99 -23.88 29.91
C PRO A 6 -15.59 -24.02 28.43
N GLY A 7 -15.91 -23.00 27.64
CA GLY A 7 -15.63 -22.94 26.21
C GLY A 7 -16.76 -23.43 25.30
N THR A 8 -17.79 -24.11 25.80
CA THR A 8 -18.93 -24.53 24.97
C THR A 8 -19.78 -23.33 24.53
N VAL A 9 -20.05 -22.39 25.43
CA VAL A 9 -20.79 -21.19 25.11
C VAL A 9 -19.90 -20.21 24.34
N ALA A 10 -18.59 -20.21 24.60
CA ALA A 10 -17.64 -19.48 23.77
C ALA A 10 -17.68 -19.92 22.30
N LEU A 11 -17.70 -21.23 22.01
CA LEU A 11 -17.83 -21.75 20.65
C LEU A 11 -19.19 -21.41 20.01
N ARG A 12 -20.28 -21.50 20.79
CA ARG A 12 -21.61 -21.03 20.39
C ARG A 12 -21.62 -19.54 20.04
N GLU A 13 -20.96 -18.70 20.82
CA GLU A 13 -20.78 -17.27 20.54
C GLU A 13 -19.91 -17.01 19.30
N ILE A 14 -18.81 -17.73 19.07
CA ILE A 14 -18.06 -17.63 17.81
C ILE A 14 -18.98 -17.92 16.62
N ARG A 15 -19.74 -19.03 16.66
CA ARG A 15 -20.66 -19.40 15.58
C ARG A 15 -21.73 -18.33 15.35
N ARG A 16 -22.32 -17.78 16.41
CA ARG A 16 -23.32 -16.72 16.32
C ARG A 16 -22.77 -15.44 15.68
N TYR A 17 -21.65 -14.93 16.19
CA TYR A 17 -21.08 -13.67 15.69
C TYR A 17 -20.37 -13.78 14.34
N GLN A 18 -19.87 -14.95 13.93
CA GLN A 18 -19.38 -15.15 12.55
C GLN A 18 -20.50 -15.36 11.51
N LYS A 19 -21.71 -15.72 11.94
CA LYS A 19 -22.92 -15.76 11.09
C LYS A 19 -23.50 -14.37 10.82
N SER A 20 -23.53 -13.51 11.83
CA SER A 20 -24.15 -12.18 11.76
C SER A 20 -23.26 -11.09 11.18
N THR A 21 -23.84 -9.94 10.83
CA THR A 21 -23.14 -8.78 10.24
C THR A 21 -23.31 -7.47 11.00
N GLU A 22 -24.05 -7.45 12.10
CA GLU A 22 -24.33 -6.24 12.87
C GLU A 22 -23.06 -5.66 13.52
N LEU A 23 -23.02 -4.37 13.77
CA LEU A 23 -21.96 -3.75 14.56
C LEU A 23 -22.03 -4.19 16.02
N LEU A 24 -20.90 -4.63 16.57
CA LEU A 24 -20.76 -5.28 17.87
C LEU A 24 -20.42 -4.33 19.02
N ILE A 25 -19.91 -3.13 18.73
CA ILE A 25 -19.78 -2.03 19.70
C ILE A 25 -21.12 -1.26 19.79
N ARG A 26 -21.49 -0.79 20.99
CA ARG A 26 -22.66 0.07 21.19
C ARG A 26 -22.46 1.41 20.47
N LYS A 27 -23.42 1.87 19.67
CA LYS A 27 -23.24 3.03 18.79
C LYS A 27 -23.01 4.35 19.53
N LEU A 28 -23.81 4.69 20.53
CA LEU A 28 -23.63 5.94 21.29
C LEU A 28 -22.27 6.03 22.01
N PRO A 29 -21.81 5.03 22.76
CA PRO A 29 -20.44 5.00 23.29
C PRO A 29 -19.34 5.16 22.23
N PHE A 30 -19.45 4.50 21.08
CA PHE A 30 -18.48 4.65 20.01
C PHE A 30 -18.47 6.06 19.42
N GLN A 31 -19.65 6.64 19.18
CA GLN A 31 -19.79 8.00 18.69
C GLN A 31 -19.16 9.03 19.64
N ARG A 32 -19.34 8.88 20.96
CA ARG A 32 -18.68 9.75 21.94
C ARG A 32 -17.15 9.62 21.89
N LEU A 33 -16.62 8.41 21.70
CA LEU A 33 -15.18 8.19 21.52
C LEU A 33 -14.64 8.90 20.28
N VAL A 34 -15.35 8.83 19.15
CA VAL A 34 -15.00 9.57 17.92
C VAL A 34 -14.97 11.07 18.15
N ARG A 35 -15.98 11.65 18.80
CA ARG A 35 -16.01 13.09 19.12
C ARG A 35 -14.91 13.51 20.09
N GLU A 36 -14.62 12.71 21.12
CA GLU A 36 -13.49 12.94 22.01
C GLU A 36 -12.16 12.95 21.24
N ILE A 37 -11.89 11.96 20.40
CA ILE A 37 -10.65 11.92 19.62
C ILE A 37 -10.56 13.12 18.67
N ALA A 38 -11.66 13.47 18.01
CA ALA A 38 -11.68 14.57 17.06
C ALA A 38 -11.41 15.95 17.69
N GLN A 39 -11.84 16.19 18.94
CA GLN A 39 -11.68 17.50 19.58
C GLN A 39 -10.20 17.91 19.78
N ASP A 40 -9.27 16.95 19.81
CA ASP A 40 -7.81 17.23 19.84
C ASP A 40 -7.25 17.71 18.49
N PHE A 41 -7.95 17.46 17.37
CA PHE A 41 -7.55 17.91 16.04
C PHE A 41 -8.23 19.22 15.62
N LYS A 42 -9.50 19.42 15.99
CA LYS A 42 -10.23 20.70 15.84
C LYS A 42 -11.42 20.79 16.79
N THR A 43 -11.57 21.93 17.46
CA THR A 43 -12.72 22.20 18.34
C THR A 43 -14.02 22.38 17.55
N ASP A 44 -15.13 21.89 18.10
CA ASP A 44 -16.49 22.05 17.57
C ASP A 44 -16.69 21.53 16.12
N LEU A 45 -16.07 20.40 15.79
CA LEU A 45 -16.41 19.63 14.60
C LEU A 45 -17.82 19.05 14.71
N ARG A 46 -18.56 19.10 13.61
CA ARG A 46 -19.75 18.27 13.38
C ARG A 46 -19.38 16.98 12.67
N PHE A 47 -20.19 15.95 12.77
CA PHE A 47 -20.04 14.71 12.00
C PHE A 47 -21.33 14.40 11.25
N GLN A 48 -21.25 14.07 9.97
CA GLN A 48 -22.36 13.35 9.34
C GLN A 48 -22.61 12.04 10.07
N SER A 49 -23.87 11.62 10.22
CA SER A 49 -24.22 10.33 10.84
C SER A 49 -23.50 9.16 10.15
N SER A 50 -23.46 9.20 8.82
CA SER A 50 -22.75 8.25 7.97
C SER A 50 -21.23 8.30 8.15
N ALA A 51 -20.62 9.39 8.59
CA ALA A 51 -19.19 9.46 8.89
C ALA A 51 -18.84 8.66 10.15
N VAL A 52 -19.65 8.79 11.20
CA VAL A 52 -19.49 7.99 12.42
C VAL A 52 -19.71 6.52 12.12
N MET A 53 -20.71 6.18 11.32
CA MET A 53 -20.93 4.79 10.90
C MET A 53 -19.80 4.24 10.04
N ALA A 54 -19.23 5.03 9.13
CA ALA A 54 -18.04 4.63 8.38
C ALA A 54 -16.83 4.37 9.30
N LEU A 55 -16.57 5.24 10.28
CA LEU A 55 -15.54 5.04 11.30
C LEU A 55 -15.78 3.76 12.11
N GLN A 56 -17.02 3.48 12.51
CA GLN A 56 -17.33 2.26 13.25
C GLN A 56 -17.14 1.00 12.41
N GLU A 57 -17.60 0.96 11.17
CA GLU A 57 -17.42 -0.19 10.28
C GLU A 57 -15.93 -0.48 10.03
N ALA A 58 -15.13 0.55 9.78
CA ALA A 58 -13.68 0.40 9.63
C ALA A 58 -12.99 -0.05 10.91
N SER A 59 -13.36 0.51 12.06
CA SER A 59 -12.78 0.17 13.37
C SER A 59 -13.08 -1.26 13.78
N GLU A 60 -14.33 -1.70 13.63
CA GLU A 60 -14.68 -3.07 13.97
C GLU A 60 -14.05 -4.07 13.01
N ALA A 61 -14.00 -3.78 11.70
CA ALA A 61 -13.32 -4.66 10.76
C ALA A 61 -11.82 -4.79 11.08
N TYR A 62 -11.18 -3.68 11.44
CA TYR A 62 -9.79 -3.66 11.87
C TYR A 62 -9.55 -4.48 13.14
N LEU A 63 -10.35 -4.31 14.19
CA LEU A 63 -10.22 -5.07 15.44
C LEU A 63 -10.52 -6.56 15.25
N VAL A 64 -11.54 -6.93 14.50
CA VAL A 64 -11.85 -8.32 14.19
C VAL A 64 -10.68 -9.00 13.47
N ALA A 65 -10.14 -8.37 12.43
CA ALA A 65 -9.01 -8.92 11.68
C ALA A 65 -7.74 -9.03 12.55
N LEU A 66 -7.51 -8.09 13.45
CA LEU A 66 -6.42 -8.17 14.42
C LEU A 66 -6.62 -9.30 15.43
N PHE A 67 -7.84 -9.55 15.91
CA PHE A 67 -8.15 -10.71 16.75
C PHE A 67 -7.91 -12.03 16.01
N GLU A 68 -8.20 -12.14 14.72
CA GLU A 68 -7.80 -13.33 13.94
C GLU A 68 -6.28 -13.57 13.96
N ASP A 69 -5.48 -12.54 13.71
CA ASP A 69 -4.01 -12.64 13.73
C ASP A 69 -3.46 -12.90 15.14
N THR A 70 -4.08 -12.30 16.15
CA THR A 70 -3.79 -12.53 17.57
C THR A 70 -4.07 -13.98 17.98
N ASN A 71 -5.19 -14.54 17.51
CA ASN A 71 -5.55 -15.93 17.78
C ASN A 71 -4.52 -16.91 17.18
N LEU A 72 -4.03 -16.63 15.97
CA LEU A 72 -2.94 -17.40 15.36
C LEU A 72 -1.64 -17.30 16.16
N ALA A 73 -1.28 -16.12 16.67
CA ALA A 73 -0.12 -15.96 17.55
C ALA A 73 -0.26 -16.75 18.88
N ALA A 74 -1.44 -16.80 19.48
CA ALA A 74 -1.70 -17.62 20.67
C ALA A 74 -1.55 -19.11 20.39
N ILE A 75 -2.15 -19.60 19.31
CA ILE A 75 -2.10 -20.99 18.90
C ILE A 75 -0.68 -21.43 18.55
N HIS A 76 0.11 -20.56 17.92
CA HIS A 76 1.52 -20.78 17.64
C HIS A 76 2.36 -21.01 18.90
N ALA A 77 2.07 -20.26 19.95
CA ALA A 77 2.64 -20.43 21.29
C ALA A 77 1.99 -21.57 22.11
N LYS A 78 1.23 -22.48 21.49
CA LYS A 78 0.56 -23.63 22.13
C LYS A 78 -0.47 -23.24 23.21
N ARG A 79 -1.13 -22.09 23.04
CA ARG A 79 -2.21 -21.60 23.92
C ARG A 79 -3.52 -21.50 23.16
N VAL A 80 -4.64 -21.65 23.86
CA VAL A 80 -5.98 -21.35 23.34
C VAL A 80 -6.49 -19.99 23.83
N THR A 81 -5.76 -19.38 24.77
CA THR A 81 -6.07 -18.10 25.39
C THR A 81 -5.25 -16.99 24.73
N ILE A 82 -5.89 -15.97 24.17
CA ILE A 82 -5.20 -14.77 23.71
C ILE A 82 -4.72 -13.90 24.89
N MET A 83 -3.55 -13.30 24.74
CA MET A 83 -2.87 -12.45 25.74
C MET A 83 -2.32 -11.18 25.07
N PRO A 84 -2.00 -10.11 25.80
CA PRO A 84 -1.44 -8.88 25.22
C PRO A 84 -0.22 -9.12 24.33
N LYS A 85 0.67 -10.04 24.70
CA LYS A 85 1.84 -10.42 23.87
C LYS A 85 1.48 -10.99 22.50
N ASP A 86 0.29 -11.58 22.33
CA ASP A 86 -0.19 -12.04 21.02
C ASP A 86 -0.64 -10.88 20.12
N ILE A 87 -1.27 -9.85 20.70
CA ILE A 87 -1.63 -8.61 20.00
C ILE A 87 -0.35 -7.88 19.60
N GLN A 88 0.61 -7.77 20.52
CA GLN A 88 1.90 -7.14 20.28
C GLN A 88 2.66 -7.82 19.14
N LEU A 89 2.72 -9.16 19.10
CA LEU A 89 3.34 -9.89 18.00
C LEU A 89 2.61 -9.64 16.67
N ALA A 90 1.28 -9.76 16.66
CA ALA A 90 0.50 -9.52 15.44
C ALA A 90 0.77 -8.12 14.86
N ARG A 91 0.71 -7.07 15.69
CA ARG A 91 0.96 -5.69 15.26
C ARG A 91 2.40 -5.41 14.87
N ARG A 92 3.38 -6.02 15.54
CA ARG A 92 4.79 -5.94 15.13
C ARG A 92 5.03 -6.61 13.78
N ILE A 93 4.54 -7.82 13.53
CA ILE A 93 4.75 -8.52 12.26
C ILE A 93 4.00 -7.84 11.10
N ARG A 94 2.79 -7.32 11.32
CA ARG A 94 2.09 -6.44 10.37
C ARG A 94 2.86 -5.16 10.02
N GLY A 95 3.79 -4.73 10.88
CA GLY A 95 4.51 -3.47 10.72
C GLY A 95 3.70 -2.25 11.13
N GLU A 96 2.75 -2.37 12.06
CA GLU A 96 1.91 -1.25 12.48
C GLU A 96 2.65 -0.21 13.34
N LYS B 1 -20.30 22.05 24.40
CA LYS B 1 -20.26 20.84 25.25
C LYS B 1 -18.90 20.13 25.10
N VAL B 2 -18.51 19.28 26.05
CA VAL B 2 -17.18 18.63 26.12
C VAL B 2 -17.27 17.17 26.58
N LEU B 3 -16.30 16.34 26.18
CA LEU B 3 -16.24 14.89 26.41
C LEU B 3 -14.86 14.45 26.92
N ARG B 4 -14.83 13.43 27.80
CA ARG B 4 -13.60 12.82 28.37
C ARG B 4 -13.78 11.32 28.68
N ASP B 5 -12.71 10.53 28.57
CA ASP B 5 -12.59 9.12 28.98
C ASP B 5 -13.66 8.15 28.41
N ASN B 6 -14.06 8.32 27.15
CA ASN B 6 -15.11 7.51 26.51
C ASN B 6 -14.64 6.13 26.04
N ILE B 7 -13.34 5.85 26.05
CA ILE B 7 -12.77 4.54 25.71
C ILE B 7 -13.26 3.42 26.65
N GLN B 8 -13.68 3.75 27.88
CA GLN B 8 -14.31 2.79 28.81
C GLN B 8 -15.70 2.33 28.33
N GLY B 9 -16.36 3.10 27.47
CA GLY B 9 -17.62 2.72 26.81
C GLY B 9 -17.42 1.69 25.69
N ILE B 10 -16.19 1.41 25.31
CA ILE B 10 -15.82 0.19 24.58
C ILE B 10 -15.68 -0.92 25.64
N THR B 11 -16.82 -1.56 25.93
CA THR B 11 -17.00 -2.44 27.09
C THR B 11 -16.27 -3.78 26.93
N LYS B 12 -15.99 -4.47 28.04
CA LYS B 12 -15.49 -5.86 28.02
C LYS B 12 -16.38 -6.76 27.12
N PRO B 13 -17.71 -6.82 27.28
CA PRO B 13 -18.54 -7.65 26.41
C PRO B 13 -18.50 -7.23 24.93
N ALA B 14 -18.36 -5.95 24.59
CA ALA B 14 -18.16 -5.56 23.19
C ALA B 14 -16.84 -6.09 22.62
N ILE B 15 -15.74 -5.95 23.37
CA ILE B 15 -14.44 -6.46 22.97
C ILE B 15 -14.46 -8.01 22.85
N ARG B 16 -15.15 -8.70 23.76
CA ARG B 16 -15.40 -10.14 23.67
C ARG B 16 -16.17 -10.50 22.40
N ARG B 17 -17.26 -9.81 22.05
CA ARG B 17 -17.97 -10.04 20.79
C ARG B 17 -17.09 -9.84 19.55
N LEU B 18 -16.25 -8.81 19.51
CA LEU B 18 -15.28 -8.61 18.43
C LEU B 18 -14.27 -9.76 18.36
N ALA B 19 -13.73 -10.19 19.50
CA ALA B 19 -12.86 -11.35 19.59
C ALA B 19 -13.56 -12.63 19.12
N ARG B 20 -14.84 -12.84 19.46
CA ARG B 20 -15.66 -13.97 18.97
C ARG B 20 -15.85 -13.96 17.46
N ARG B 21 -16.14 -12.80 16.85
CA ARG B 21 -16.17 -12.69 15.39
C ARG B 21 -14.78 -12.98 14.79
N GLY B 22 -13.70 -12.57 15.46
CA GLY B 22 -12.32 -12.98 15.15
C GLY B 22 -11.98 -14.45 15.42
N GLY B 23 -12.91 -15.28 15.89
CA GLY B 23 -12.71 -16.71 16.16
C GLY B 23 -12.04 -17.04 17.50
N VAL B 24 -11.93 -16.09 18.42
CA VAL B 24 -11.25 -16.28 19.70
C VAL B 24 -12.12 -17.03 20.71
N LYS B 25 -11.65 -18.19 21.20
CA LYS B 25 -12.32 -18.99 22.23
C LYS B 25 -12.08 -18.50 23.67
N ARG B 26 -10.86 -18.08 24.02
CA ARG B 26 -10.51 -17.74 25.40
C ARG B 26 -9.67 -16.46 25.48
N ILE B 27 -9.98 -15.58 26.40
CA ILE B 27 -9.44 -14.21 26.42
C ILE B 27 -8.85 -13.90 27.79
N SER B 28 -7.58 -13.52 27.85
CA SER B 28 -6.99 -13.03 29.11
C SER B 28 -7.56 -11.67 29.52
N GLY B 29 -7.76 -11.42 30.81
CA GLY B 29 -8.31 -10.16 31.34
C GLY B 29 -7.47 -8.92 31.04
N LEU B 30 -6.19 -9.10 30.67
CA LEU B 30 -5.31 -8.02 30.24
C LEU B 30 -5.61 -7.52 28.80
N ILE B 31 -6.34 -8.28 27.99
CA ILE B 31 -6.66 -7.97 26.58
C ILE B 31 -7.50 -6.70 26.44
N TYR B 32 -8.44 -6.43 27.34
CA TYR B 32 -9.39 -5.33 27.18
C TYR B 32 -8.72 -3.95 27.16
N GLU B 33 -7.76 -3.69 28.06
CA GLU B 33 -6.95 -2.46 28.02
C GLU B 33 -6.02 -2.39 26.81
N GLU B 34 -5.40 -3.50 26.40
CA GLU B 34 -4.55 -3.54 25.21
C GLU B 34 -5.36 -3.20 23.94
N THR B 35 -6.56 -3.78 23.81
CA THR B 35 -7.49 -3.53 22.70
C THR B 35 -7.97 -2.09 22.65
N ARG B 36 -8.29 -1.49 23.80
CA ARG B 36 -8.65 -0.08 23.90
C ARG B 36 -7.53 0.84 23.44
N GLY B 37 -6.28 0.58 23.87
CA GLY B 37 -5.12 1.34 23.41
C GLY B 37 -4.90 1.22 21.90
N VAL B 38 -5.07 0.02 21.36
CA VAL B 38 -4.98 -0.23 19.91
C VAL B 38 -6.08 0.51 19.14
N LEU B 39 -7.34 0.45 19.59
CA LEU B 39 -8.46 1.16 18.97
C LEU B 39 -8.27 2.67 19.01
N LYS B 40 -7.81 3.23 20.14
CA LYS B 40 -7.55 4.67 20.24
C LYS B 40 -6.48 5.11 19.23
N VAL B 41 -5.39 4.36 19.06
CA VAL B 41 -4.36 4.64 18.05
C VAL B 41 -4.91 4.55 16.61
N PHE B 42 -5.68 3.52 16.30
CA PHE B 42 -6.34 3.39 14.99
C PHE B 42 -7.26 4.58 14.68
N LEU B 43 -8.15 4.94 15.61
CA LEU B 43 -9.06 6.05 15.43
C LEU B 43 -8.35 7.40 15.36
N GLU B 44 -7.32 7.63 16.17
CA GLU B 44 -6.52 8.86 16.08
C GLU B 44 -5.89 9.01 14.70
N ASN B 45 -5.37 7.94 14.10
CA ASN B 45 -4.80 8.01 12.77
C ASN B 45 -5.85 8.31 11.70
N VAL B 46 -7.01 7.66 11.72
CA VAL B 46 -8.05 7.89 10.71
C VAL B 46 -8.70 9.26 10.87
N ILE B 47 -9.03 9.67 12.08
CA ILE B 47 -9.70 10.94 12.33
C ILE B 47 -8.78 12.13 12.06
N ARG B 48 -7.48 12.06 12.38
CA ARG B 48 -6.52 13.12 12.02
C ARG B 48 -6.50 13.40 10.51
N ASP B 49 -6.44 12.36 9.68
CA ASP B 49 -6.53 12.52 8.23
C ASP B 49 -7.91 12.98 7.79
N ALA B 50 -9.00 12.43 8.33
CA ALA B 50 -10.35 12.84 7.96
C ALA B 50 -10.55 14.33 8.25
N VAL B 51 -10.18 14.80 9.43
CA VAL B 51 -10.23 16.22 9.81
C VAL B 51 -9.31 17.08 8.94
N THR B 52 -8.17 16.55 8.50
CA THR B 52 -7.30 17.23 7.53
C THR B 52 -8.00 17.42 6.17
N TYR B 53 -8.71 16.41 5.65
CA TYR B 53 -9.59 16.61 4.49
C TYR B 53 -10.72 17.62 4.76
N THR B 54 -11.39 17.57 5.92
CA THR B 54 -12.46 18.51 6.29
C THR B 54 -11.98 19.95 6.30
N GLU B 55 -10.83 20.21 6.92
CA GLU B 55 -10.24 21.55 6.97
C GLU B 55 -9.79 22.03 5.60
N HIS B 56 -9.28 21.14 4.74
CA HIS B 56 -8.89 21.52 3.39
C HIS B 56 -10.10 22.02 2.58
N ALA B 57 -11.24 21.35 2.69
CA ALA B 57 -12.51 21.78 2.10
C ALA B 57 -13.11 23.05 2.72
N LYS B 58 -12.51 23.60 3.79
CA LYS B 58 -13.03 24.70 4.61
C LYS B 58 -14.39 24.39 5.28
N ARG B 59 -14.70 23.11 5.48
CA ARG B 59 -15.92 22.66 6.15
C ARG B 59 -15.74 22.61 7.67
N LYS B 60 -16.87 22.58 8.40
CA LYS B 60 -16.93 22.33 9.85
C LYS B 60 -17.46 20.94 10.18
N THR B 61 -18.07 20.28 9.20
CA THR B 61 -18.66 18.95 9.32
C THR B 61 -17.76 17.91 8.64
N VAL B 62 -17.30 16.90 9.38
CA VAL B 62 -16.65 15.70 8.87
C VAL B 62 -17.68 14.89 8.11
N THR B 63 -17.48 14.70 6.81
CA THR B 63 -18.37 13.90 5.97
C THR B 63 -17.96 12.44 5.94
N ALA B 64 -18.85 11.55 5.50
CA ALA B 64 -18.46 10.18 5.22
C ALA B 64 -17.37 10.08 4.15
N MET B 65 -17.34 11.00 3.18
CA MET B 65 -16.25 11.06 2.20
C MET B 65 -14.90 11.43 2.80
N ASP B 66 -14.82 12.35 3.76
CA ASP B 66 -13.58 12.62 4.49
C ASP B 66 -13.05 11.36 5.17
N VAL B 67 -13.92 10.57 5.80
CA VAL B 67 -13.57 9.29 6.43
C VAL B 67 -13.11 8.27 5.38
N VAL B 68 -13.86 8.12 4.28
CA VAL B 68 -13.51 7.18 3.20
C VAL B 68 -12.17 7.54 2.54
N TYR B 69 -11.86 8.83 2.32
CA TYR B 69 -10.55 9.25 1.81
C TYR B 69 -9.43 9.01 2.82
N ALA B 70 -9.65 9.32 4.10
CA ALA B 70 -8.70 9.05 5.18
C ALA B 70 -8.37 7.57 5.32
N LEU B 71 -9.38 6.71 5.24
CA LEU B 71 -9.22 5.26 5.23
C LEU B 71 -8.49 4.76 3.98
N LYS B 72 -8.83 5.28 2.80
CA LYS B 72 -8.18 4.89 1.54
C LYS B 72 -6.70 5.23 1.50
N ARG B 73 -6.29 6.43 1.93
CA ARG B 73 -4.87 6.80 1.92
C ARG B 73 -4.02 6.05 2.95
N GLN B 74 -4.65 5.45 3.96
CA GLN B 74 -4.03 4.52 4.93
C GLN B 74 -4.10 3.05 4.50
N GLY B 75 -4.48 2.74 3.26
CA GLY B 75 -4.53 1.38 2.74
C GLY B 75 -5.65 0.53 3.32
N ARG B 76 -6.77 1.13 3.71
CA ARG B 76 -7.95 0.48 4.32
C ARG B 76 -9.26 0.92 3.67
N THR B 77 -9.32 0.87 2.34
CA THR B 77 -10.48 1.23 1.52
C THR B 77 -11.79 0.65 2.04
N LEU B 78 -12.79 1.50 2.26
CA LEU B 78 -14.11 1.11 2.72
C LEU B 78 -15.15 1.30 1.61
N TYR B 79 -15.85 0.22 1.23
CA TYR B 79 -16.98 0.27 0.31
C TYR B 79 -18.31 0.40 1.08
N GLY B 80 -19.30 1.10 0.50
CA GLY B 80 -20.65 1.23 1.04
C GLY B 80 -20.99 2.59 1.69
N PHE B 81 -20.08 3.56 1.66
CA PHE B 81 -20.28 4.94 2.16
C PHE B 81 -19.98 6.01 1.10
N GLY B 82 -19.97 5.64 -0.18
CA GLY B 82 -19.54 6.48 -1.31
C GLY B 82 -18.12 6.17 -1.79
N GLY B 83 -17.53 7.10 -2.55
CA GLY B 83 -16.22 6.91 -3.21
C GLY B 83 -16.23 5.85 -4.30
N THR C 1 16.67 47.19 -22.54
CA THR C 1 15.32 47.36 -21.96
C THR C 1 14.96 46.22 -21.04
N ARG C 2 14.74 45.00 -21.56
CA ARG C 2 14.38 43.79 -20.78
C ARG C 2 15.39 43.51 -19.66
N ALA C 3 14.89 43.35 -18.43
CA ALA C 3 15.70 43.11 -17.23
C ALA C 3 16.37 41.74 -17.22
N LYS C 4 17.51 41.62 -16.53
CA LYS C 4 18.25 40.35 -16.40
C LYS C 4 17.46 39.31 -15.62
N ALA C 5 17.46 38.07 -16.10
CA ALA C 5 16.76 36.96 -15.49
C ALA C 5 17.26 36.65 -14.08
N LYS C 6 16.33 36.50 -13.11
CA LYS C 6 16.59 35.97 -11.76
C LYS C 6 15.82 34.67 -11.56
N THR C 7 16.47 33.60 -11.13
CA THR C 7 15.79 32.31 -10.91
C THR C 7 14.69 32.42 -9.85
N ARG C 8 13.55 31.76 -10.05
CA ARG C 8 12.50 31.65 -9.02
C ARG C 8 13.00 30.95 -7.76
N SER C 9 13.97 30.05 -7.91
CA SER C 9 14.68 29.40 -6.79
C SER C 9 15.36 30.43 -5.89
N SER C 10 16.18 31.35 -6.45
CA SER C 10 16.85 32.38 -5.64
C SER C 10 15.89 33.46 -5.12
N ARG C 11 14.86 33.81 -5.90
CA ARG C 11 13.75 34.68 -5.45
C ARG C 11 12.99 34.10 -4.25
N ALA C 12 12.84 32.77 -4.15
CA ALA C 12 12.30 32.06 -2.98
C ALA C 12 13.30 31.79 -1.85
N GLY C 13 14.60 31.92 -2.09
CA GLY C 13 15.66 31.58 -1.14
C GLY C 13 16.03 30.09 -1.09
N LEU C 14 15.84 29.38 -2.20
CA LEU C 14 15.99 27.92 -2.30
C LEU C 14 17.20 27.51 -3.15
N GLN C 15 17.79 26.37 -2.80
CA GLN C 15 18.74 25.64 -3.66
C GLN C 15 18.00 24.78 -4.68
N PHE C 16 16.89 24.13 -4.31
CA PHE C 16 16.12 23.25 -5.20
C PHE C 16 15.40 24.03 -6.33
N PRO C 17 15.31 23.45 -7.54
CA PRO C 17 15.00 24.18 -8.77
C PRO C 17 13.49 24.43 -8.96
N VAL C 18 13.00 25.61 -8.57
CA VAL C 18 11.56 25.96 -8.62
C VAL C 18 11.00 25.86 -10.04
N GLY C 19 11.73 26.30 -11.06
CA GLY C 19 11.31 26.20 -12.45
C GLY C 19 11.17 24.77 -12.96
N ARG C 20 12.10 23.88 -12.58
CA ARG C 20 12.02 22.45 -12.88
C ARG C 20 10.86 21.78 -12.14
N VAL C 21 10.67 22.08 -10.86
CA VAL C 21 9.53 21.59 -10.08
C VAL C 21 8.21 22.05 -10.71
N HIS C 22 8.12 23.30 -11.17
CA HIS C 22 6.92 23.81 -11.86
C HIS C 22 6.64 23.07 -13.16
N ARG C 23 7.65 22.86 -13.98
CA ARG C 23 7.50 22.12 -15.24
C ARG C 23 7.15 20.65 -15.01
N LEU C 24 7.70 20.01 -13.99
CA LEU C 24 7.33 18.66 -13.57
C LEU C 24 5.89 18.59 -13.06
N LEU C 25 5.40 19.57 -12.29
CA LEU C 25 3.99 19.67 -11.92
C LEU C 25 3.07 19.86 -13.13
N ARG C 26 3.39 20.77 -14.07
CA ARG C 26 2.57 20.99 -15.28
C ARG C 26 2.53 19.80 -16.21
N LYS C 27 3.65 19.10 -16.41
CA LYS C 27 3.76 17.94 -17.32
C LYS C 27 3.41 16.59 -16.70
N GLY C 28 3.30 16.50 -15.37
CA GLY C 28 3.07 15.26 -14.63
C GLY C 28 1.61 14.80 -14.55
N ASN C 29 0.67 15.48 -15.20
CA ASN C 29 -0.77 15.17 -15.16
C ASN C 29 -1.35 15.16 -13.74
N TYR C 30 -0.99 16.15 -12.93
CA TYR C 30 -1.48 16.26 -11.57
C TYR C 30 -2.80 17.07 -11.48
N ALA C 31 -2.97 18.10 -12.31
CA ALA C 31 -4.20 18.89 -12.42
C ALA C 31 -4.20 19.66 -13.75
N GLU C 32 -5.32 20.27 -14.12
CA GLU C 32 -5.42 21.13 -15.31
C GLU C 32 -4.43 22.31 -15.22
N ARG C 33 -4.32 22.91 -14.04
CA ARG C 33 -3.58 24.16 -13.77
C ARG C 33 -2.67 23.99 -12.55
N VAL C 34 -1.55 24.71 -12.53
CA VAL C 34 -0.63 24.75 -11.39
C VAL C 34 -0.45 26.19 -10.93
N GLY C 35 -0.72 26.48 -9.66
CA GLY C 35 -0.54 27.81 -9.09
C GLY C 35 0.93 28.21 -8.95
N ALA C 36 1.24 29.50 -9.02
CA ALA C 36 2.61 30.02 -8.98
C ALA C 36 3.36 29.71 -7.67
N GLY C 37 2.67 29.67 -6.54
CA GLY C 37 3.23 29.30 -5.24
C GLY C 37 3.39 27.80 -5.01
N ALA C 38 2.73 26.93 -5.79
CA ALA C 38 2.83 25.48 -5.64
C ALA C 38 4.25 24.93 -5.83
N PRO C 39 5.00 25.28 -6.90
CA PRO C 39 6.36 24.76 -7.07
C PRO C 39 7.34 25.33 -6.05
N VAL C 40 7.13 26.56 -5.56
CA VAL C 40 7.94 27.14 -4.48
C VAL C 40 7.80 26.36 -3.18
N TYR C 41 6.56 26.09 -2.77
CA TYR C 41 6.27 25.28 -1.57
C TYR C 41 6.83 23.86 -1.70
N LEU C 42 6.59 23.19 -2.84
CA LEU C 42 7.07 21.84 -3.05
C LEU C 42 8.60 21.76 -3.11
N ALA C 43 9.27 22.67 -3.82
CA ALA C 43 10.72 22.73 -3.86
C ALA C 43 11.32 22.93 -2.46
N ALA C 44 10.72 23.79 -1.63
CA ALA C 44 11.15 24.00 -0.25
C ALA C 44 11.03 22.74 0.60
N VAL C 45 9.97 21.96 0.44
CA VAL C 45 9.75 20.71 1.18
C VAL C 45 10.74 19.62 0.74
N LEU C 46 11.01 19.47 -0.55
CA LEU C 46 12.02 18.55 -1.04
C LEU C 46 13.43 18.92 -0.56
N GLU C 47 13.76 20.21 -0.56
CA GLU C 47 15.02 20.71 -0.01
C GLU C 47 15.15 20.45 1.49
N TYR C 48 14.12 20.75 2.28
CA TYR C 48 14.11 20.48 3.70
C TYR C 48 14.27 18.99 4.01
N LEU C 49 13.53 18.13 3.32
CA LEU C 49 13.61 16.70 3.54
C LEU C 49 14.95 16.11 3.11
N THR C 50 15.55 16.68 2.06
CA THR C 50 16.94 16.40 1.68
C THR C 50 17.90 16.78 2.80
N ALA C 51 17.78 17.99 3.35
CA ALA C 51 18.61 18.47 4.44
C ALA C 51 18.49 17.62 5.73
N GLU C 52 17.29 17.16 6.09
CA GLU C 52 17.08 16.23 7.21
C GLU C 52 17.82 14.90 7.04
N ILE C 53 17.67 14.23 5.88
CA ILE C 53 18.40 12.98 5.64
C ILE C 53 19.91 13.22 5.61
N LEU C 54 20.38 14.25 4.89
CA LEU C 54 21.80 14.52 4.78
C LEU C 54 22.44 14.92 6.11
N GLU C 55 21.73 15.61 7.00
CA GLU C 55 22.28 15.94 8.31
C GLU C 55 22.55 14.66 9.12
N LEU C 56 21.56 13.79 9.21
CA LEU C 56 21.68 12.53 9.92
C LEU C 56 22.69 11.59 9.25
N ALA C 57 22.76 11.56 7.92
CA ALA C 57 23.72 10.73 7.19
C ALA C 57 25.15 11.28 7.23
N GLY C 58 25.35 12.59 7.22
CA GLY C 58 26.66 13.21 7.46
C GLY C 58 27.15 12.96 8.89
N ASN C 59 26.24 12.94 9.86
CA ASN C 59 26.55 12.50 11.21
C ASN C 59 26.90 11.02 11.27
N ALA C 60 26.16 10.15 10.57
CA ALA C 60 26.49 8.72 10.50
C ALA C 60 27.87 8.50 9.88
N ALA C 61 28.21 9.22 8.81
CA ALA C 61 29.53 9.18 8.19
C ALA C 61 30.64 9.57 9.20
N ARG C 62 30.47 10.69 9.90
CA ARG C 62 31.38 11.19 10.94
C ARG C 62 31.52 10.21 12.11
N ASP C 63 30.44 9.60 12.58
CA ASP C 63 30.49 8.57 13.64
C ASP C 63 31.17 7.27 13.18
N ASN C 64 31.12 6.96 11.89
CA ASN C 64 31.85 5.86 11.25
C ASN C 64 33.29 6.27 10.81
N LYS C 65 33.75 7.47 11.18
CA LYS C 65 35.06 8.08 10.86
C LYS C 65 35.32 8.27 9.35
N LYS C 66 34.29 8.23 8.52
CA LYS C 66 34.32 8.50 7.06
C LYS C 66 34.00 9.98 6.77
N THR C 67 34.52 10.51 5.67
CA THR C 67 34.17 11.85 5.16
C THR C 67 33.12 11.80 4.05
N ARG C 68 32.90 10.64 3.43
CA ARG C 68 31.98 10.43 2.31
C ARG C 68 30.73 9.68 2.77
N ILE C 69 29.55 10.22 2.48
CA ILE C 69 28.27 9.53 2.67
C ILE C 69 28.17 8.39 1.66
N ILE C 70 28.00 7.16 2.16
CA ILE C 70 27.72 5.94 1.39
C ILE C 70 26.31 5.42 1.73
N PRO C 71 25.71 4.51 0.94
CA PRO C 71 24.35 4.02 1.19
C PRO C 71 24.08 3.55 2.62
N ARG C 72 25.07 2.92 3.27
CA ARG C 72 25.07 2.58 4.69
C ARG C 72 24.70 3.75 5.61
N HIS C 73 25.29 4.93 5.40
CA HIS C 73 25.04 6.11 6.23
C HIS C 73 23.62 6.65 6.06
N LEU C 74 23.05 6.60 4.85
CA LEU C 74 21.65 6.91 4.60
C LEU C 74 20.71 5.93 5.30
N GLN C 75 21.03 4.63 5.28
CA GLN C 75 20.25 3.62 6.01
C GLN C 75 20.32 3.81 7.53
N LEU C 76 21.49 4.05 8.13
CA LEU C 76 21.60 4.34 9.55
C LEU C 76 20.84 5.62 9.92
N ALA C 77 21.00 6.69 9.12
CA ALA C 77 20.25 7.93 9.32
C ALA C 77 18.73 7.69 9.35
N VAL C 78 18.20 6.98 8.35
CA VAL C 78 16.76 6.74 8.22
C VAL C 78 16.25 5.81 9.32
N ARG C 79 16.86 4.64 9.56
CA ARG C 79 16.30 3.66 10.51
C ARG C 79 16.49 4.02 11.97
N ASN C 80 17.50 4.83 12.32
CA ASN C 80 17.62 5.39 13.67
C ASN C 80 16.70 6.59 13.95
N ASP C 81 16.06 7.20 12.94
CA ASP C 81 15.06 8.26 13.15
C ASP C 81 13.64 7.71 12.98
N GLU C 82 12.82 7.75 14.03
CA GLU C 82 11.48 7.17 13.96
C GLU C 82 10.57 7.79 12.89
N GLU C 83 10.68 9.09 12.59
CA GLU C 83 9.82 9.73 11.60
C GLU C 83 10.29 9.48 10.16
N LEU C 84 11.58 9.57 9.87
CA LEU C 84 12.09 9.14 8.56
C LEU C 84 11.89 7.64 8.34
N ASN C 85 12.00 6.81 9.38
CA ASN C 85 11.67 5.40 9.28
C ASN C 85 10.18 5.16 8.96
N LYS C 86 9.25 5.94 9.54
CA LYS C 86 7.84 5.89 9.15
C LYS C 86 7.62 6.36 7.70
N LEU C 87 8.24 7.46 7.28
CA LEU C 87 8.14 7.97 5.91
C LEU C 87 8.65 6.95 4.88
N LEU C 88 9.77 6.30 5.18
CA LEU C 88 10.47 5.35 4.32
C LEU C 88 10.24 3.88 4.74
N GLY C 89 9.12 3.56 5.40
CA GLY C 89 8.87 2.24 5.98
C GLY C 89 8.69 1.11 4.94
N ARG C 90 8.20 1.46 3.76
CA ARG C 90 8.05 0.57 2.58
C ARG C 90 9.23 0.62 1.60
N VAL C 91 10.30 1.35 1.94
CA VAL C 91 11.45 1.62 1.06
C VAL C 91 12.65 0.74 1.43
N THR C 92 13.29 0.15 0.43
CA THR C 92 14.60 -0.50 0.54
C THR C 92 15.68 0.44 0.00
N ILE C 93 16.73 0.68 0.78
CA ILE C 93 17.92 1.41 0.35
C ILE C 93 18.92 0.36 -0.13
N ALA C 94 19.27 0.36 -1.43
CA ALA C 94 20.25 -0.58 -1.96
C ALA C 94 21.61 -0.44 -1.28
N GLN C 95 22.27 -1.55 -0.95
CA GLN C 95 23.56 -1.58 -0.26
C GLN C 95 23.55 -0.89 1.13
N GLY C 96 22.39 -0.75 1.78
CA GLY C 96 22.28 -0.10 3.10
C GLY C 96 22.50 -1.01 4.31
N GLY C 97 22.33 -2.33 4.17
CA GLY C 97 22.32 -3.28 5.29
C GLY C 97 21.15 -3.06 6.26
N VAL C 98 21.33 -3.43 7.53
CA VAL C 98 20.30 -3.35 8.59
C VAL C 98 20.86 -2.72 9.86
N LEU C 99 20.01 -2.31 10.81
CA LEU C 99 20.47 -1.91 12.13
C LEU C 99 21.09 -3.10 12.89
N PRO C 100 22.24 -2.93 13.58
CA PRO C 100 22.71 -3.88 14.59
C PRO C 100 21.66 -4.08 15.69
N ASN C 101 21.11 -5.29 15.78
CA ASN C 101 19.97 -5.63 16.63
C ASN C 101 19.92 -7.15 16.89
N ILE C 102 20.24 -7.57 18.11
CA ILE C 102 20.12 -8.95 18.59
C ILE C 102 19.00 -9.02 19.63
N GLN C 103 18.06 -9.95 19.50
CA GLN C 103 17.03 -10.17 20.51
C GLN C 103 17.65 -10.61 21.84
N SER C 104 17.26 -9.98 22.94
CA SER C 104 17.95 -10.12 24.24
C SER C 104 18.01 -11.57 24.75
N VAL C 105 16.97 -12.36 24.49
CA VAL C 105 16.88 -13.79 24.86
C VAL C 105 17.94 -14.66 24.19
N LEU C 106 18.52 -14.22 23.07
CA LEU C 106 19.56 -14.95 22.33
C LEU C 106 20.97 -14.71 22.90
N LEU C 107 21.19 -13.63 23.64
CA LEU C 107 22.47 -13.34 24.31
C LEU C 107 22.72 -14.31 25.47
N PRO C 108 23.98 -14.71 25.72
CA PRO C 108 24.32 -15.67 26.77
C PRO C 108 24.09 -15.07 28.17
N LYS C 109 23.77 -15.93 29.15
CA LYS C 109 23.52 -15.53 30.55
C LYS C 109 24.76 -14.92 31.25
N LYS C 110 24.52 -14.16 32.32
CA LYS C 110 25.53 -13.48 33.15
C LYS C 110 25.48 -13.89 34.61
N ARG D 1 28.38 10.71 -31.21
CA ARG D 1 27.81 12.00 -30.75
C ARG D 1 27.68 12.00 -29.21
N ARG D 2 27.68 13.17 -28.56
CA ARG D 2 27.39 13.30 -27.11
C ARG D 2 26.02 12.71 -26.72
N LYS D 3 25.91 12.13 -25.53
CA LYS D 3 24.65 11.59 -25.00
C LYS D 3 23.61 12.68 -24.69
N THR D 4 22.33 12.31 -24.77
CA THR D 4 21.20 13.21 -24.48
C THR D 4 21.11 13.50 -22.97
N ARG D 5 20.68 14.72 -22.62
CA ARG D 5 20.69 15.25 -21.25
C ARG D 5 19.69 14.53 -20.34
N LYS D 6 20.17 13.67 -19.43
CA LYS D 6 19.38 13.12 -18.33
C LYS D 6 19.44 14.03 -17.11
N GLU D 7 18.36 14.72 -16.81
CA GLU D 7 18.30 15.58 -15.63
C GLU D 7 18.23 14.76 -14.32
N SER D 8 18.72 15.33 -13.23
CA SER D 8 18.64 14.75 -11.90
C SER D 8 18.66 15.84 -10.84
N TYR D 9 18.38 15.47 -9.58
CA TYR D 9 18.53 16.41 -8.47
C TYR D 9 19.95 16.50 -7.91
N ALA D 10 20.93 15.81 -8.49
CA ALA D 10 22.25 15.62 -7.89
C ALA D 10 22.98 16.92 -7.52
N ILE D 11 22.96 17.95 -8.37
CA ILE D 11 23.63 19.22 -8.07
C ILE D 11 22.97 19.97 -6.90
N TYR D 12 21.65 19.88 -6.75
CA TYR D 12 20.93 20.52 -5.64
C TYR D 12 21.09 19.75 -4.35
N VAL D 13 21.09 18.42 -4.40
CA VAL D 13 21.45 17.58 -3.25
C VAL D 13 22.85 17.92 -2.78
N TYR D 14 23.82 18.07 -3.70
CA TYR D 14 25.17 18.48 -3.34
C TYR D 14 25.24 19.90 -2.76
N LYS D 15 24.47 20.87 -3.29
CA LYS D 15 24.36 22.21 -2.69
C LYS D 15 23.82 22.15 -1.27
N VAL D 16 22.78 21.36 -1.00
CA VAL D 16 22.26 21.16 0.37
C VAL D 16 23.27 20.45 1.26
N LEU D 17 23.99 19.45 0.77
CA LEU D 17 25.08 18.82 1.51
C LEU D 17 26.15 19.84 1.91
N LYS D 18 26.62 20.67 0.98
CA LYS D 18 27.62 21.71 1.27
C LYS D 18 27.13 22.75 2.28
N GLN D 19 25.83 22.98 2.44
CA GLN D 19 25.31 23.82 3.52
C GLN D 19 25.31 23.10 4.87
N VAL D 20 24.77 21.87 4.94
CA VAL D 20 24.55 21.18 6.22
C VAL D 20 25.82 20.51 6.79
N HIS D 21 26.70 20.01 5.94
CA HIS D 21 28.04 19.49 6.27
C HIS D 21 29.06 19.93 5.20
N PRO D 22 29.65 21.15 5.32
CA PRO D 22 30.57 21.70 4.32
C PRO D 22 31.75 20.80 3.92
N ASP D 23 32.34 20.08 4.86
CA ASP D 23 33.50 19.21 4.62
C ASP D 23 33.16 17.75 4.24
N THR D 24 31.89 17.35 4.34
CA THR D 24 31.44 15.98 3.97
C THR D 24 31.20 15.86 2.47
N GLY D 25 31.56 14.73 1.88
CA GLY D 25 31.25 14.36 0.51
C GLY D 25 30.17 13.29 0.41
N ILE D 26 29.83 12.86 -0.79
CA ILE D 26 28.83 11.80 -1.01
C ILE D 26 29.26 10.90 -2.17
N SER D 27 29.08 9.59 -2.03
CA SER D 27 29.32 8.65 -3.12
C SER D 27 28.24 8.74 -4.20
N SER D 28 28.51 8.27 -5.41
CA SER D 28 27.53 8.28 -6.50
C SER D 28 26.35 7.34 -6.24
N LYS D 29 26.55 6.19 -5.57
CA LYS D 29 25.45 5.33 -5.14
C LYS D 29 24.55 6.02 -4.09
N ALA D 30 25.14 6.68 -3.10
CA ALA D 30 24.37 7.48 -2.14
C ALA D 30 23.65 8.67 -2.82
N MET D 31 24.27 9.35 -3.78
CA MET D 31 23.60 10.37 -4.59
C MET D 31 22.44 9.82 -5.42
N SER D 32 22.59 8.63 -6.01
CA SER D 32 21.52 7.94 -6.72
C SER D 32 20.34 7.64 -5.78
N ILE D 33 20.58 7.18 -4.56
CA ILE D 33 19.53 7.01 -3.54
C ILE D 33 18.87 8.34 -3.20
N MET D 34 19.63 9.42 -3.04
CA MET D 34 19.05 10.75 -2.78
C MET D 34 18.18 11.25 -3.92
N ASN D 35 18.58 11.02 -5.17
CA ASN D 35 17.77 11.32 -6.34
C ASN D 35 16.47 10.50 -6.35
N SER D 36 16.52 9.19 -6.07
CA SER D 36 15.32 8.35 -5.90
C SER D 36 14.41 8.87 -4.77
N PHE D 37 14.96 9.24 -3.62
CA PHE D 37 14.20 9.83 -2.53
C PHE D 37 13.47 11.11 -2.92
N VAL D 38 14.15 12.04 -3.59
CA VAL D 38 13.53 13.30 -4.03
C VAL D 38 12.40 13.03 -5.02
N ASN D 39 12.63 12.19 -6.02
CA ASN D 39 11.61 11.81 -6.99
C ASN D 39 10.41 11.15 -6.30
N ASP D 40 10.64 10.22 -5.37
CA ASP D 40 9.59 9.52 -4.65
C ASP D 40 8.72 10.47 -3.84
N VAL D 41 9.32 11.36 -3.04
CA VAL D 41 8.59 12.34 -2.24
C VAL D 41 7.86 13.37 -3.12
N PHE D 42 8.45 13.83 -4.23
CA PHE D 42 7.74 14.68 -5.19
C PHE D 42 6.48 13.97 -5.70
N GLU D 43 6.58 12.72 -6.17
CA GLU D 43 5.46 11.96 -6.70
C GLU D 43 4.36 11.74 -5.64
N ARG D 44 4.72 11.43 -4.38
CA ARG D 44 3.74 11.31 -3.29
C ARG D 44 3.01 12.62 -3.03
N ILE D 45 3.73 13.74 -2.86
CA ILE D 45 3.12 15.03 -2.54
C ILE D 45 2.25 15.52 -3.70
N ALA D 46 2.74 15.49 -4.92
CA ALA D 46 1.99 15.93 -6.09
C ALA D 46 0.75 15.04 -6.34
N GLY D 47 0.87 13.72 -6.12
CA GLY D 47 -0.24 12.79 -6.21
C GLY D 47 -1.33 13.02 -5.15
N GLU D 48 -0.97 13.28 -3.89
CA GLU D 48 -1.97 13.63 -2.88
C GLU D 48 -2.57 15.03 -3.11
N ALA D 49 -1.78 16.02 -3.52
CA ALA D 49 -2.28 17.33 -3.91
C ALA D 49 -3.26 17.25 -5.08
N SER D 50 -2.99 16.37 -6.05
CA SER D 50 -3.85 16.03 -7.17
C SER D 50 -5.20 15.43 -6.74
N ARG D 51 -5.19 14.45 -5.82
CA ARG D 51 -6.41 13.91 -5.23
C ARG D 51 -7.18 14.99 -4.45
N LEU D 52 -6.51 15.82 -3.65
CA LEU D 52 -7.13 16.93 -2.93
C LEU D 52 -7.82 17.93 -3.86
N ALA D 53 -7.22 18.30 -5.00
CA ALA D 53 -7.86 19.19 -5.97
C ALA D 53 -9.11 18.55 -6.58
N HIS D 54 -9.03 17.28 -7.01
CA HIS D 54 -10.15 16.53 -7.55
C HIS D 54 -11.31 16.35 -6.55
N TYR D 55 -11.04 15.94 -5.31
CA TYR D 55 -12.05 15.77 -4.26
C TYR D 55 -12.83 17.07 -3.99
N ASN D 56 -12.19 18.23 -4.15
CA ASN D 56 -12.77 19.54 -3.90
C ASN D 56 -13.31 20.25 -5.15
N LYS D 57 -13.41 19.55 -6.30
CA LYS D 57 -13.89 20.08 -7.59
C LYS D 57 -13.05 21.24 -8.14
N ARG D 58 -11.75 21.25 -7.89
CA ARG D 58 -10.79 22.32 -8.29
C ARG D 58 -9.93 21.90 -9.47
N SER D 59 -9.72 22.81 -10.41
CA SER D 59 -8.78 22.67 -11.54
C SER D 59 -7.30 22.92 -11.19
N THR D 60 -7.00 23.66 -10.11
CA THR D 60 -5.65 24.13 -9.82
C THR D 60 -5.04 23.41 -8.63
N ILE D 61 -3.80 22.90 -8.74
CA ILE D 61 -2.97 22.60 -7.57
C ILE D 61 -2.29 23.89 -7.12
N THR D 62 -2.58 24.34 -5.91
CA THR D 62 -2.01 25.56 -5.33
C THR D 62 -1.06 25.22 -4.17
N SER D 63 -0.39 26.22 -3.60
CA SER D 63 0.35 26.11 -2.33
C SER D 63 -0.48 25.49 -1.20
N ARG D 64 -1.80 25.70 -1.17
CA ARG D 64 -2.72 25.12 -0.19
C ARG D 64 -2.91 23.61 -0.36
N GLU D 65 -3.08 23.09 -1.57
CA GLU D 65 -3.07 21.63 -1.80
C GLU D 65 -1.73 21.02 -1.41
N ILE D 66 -0.59 21.65 -1.73
CA ILE D 66 0.72 21.15 -1.34
C ILE D 66 0.84 21.08 0.18
N GLN D 67 0.41 22.12 0.91
CA GLN D 67 0.42 22.15 2.37
C GLN D 67 -0.40 21.02 3.01
N THR D 68 -1.60 20.75 2.51
CA THR D 68 -2.43 19.66 3.02
C THR D 68 -1.86 18.29 2.66
N ALA D 69 -1.33 18.11 1.46
CA ALA D 69 -0.65 16.89 1.06
C ALA D 69 0.56 16.59 1.97
N VAL D 70 1.35 17.60 2.32
CA VAL D 70 2.48 17.49 3.26
C VAL D 70 2.02 17.08 4.67
N ARG D 71 0.92 17.67 5.16
CA ARG D 71 0.30 17.29 6.44
C ARG D 71 -0.24 15.86 6.45
N LEU D 72 -0.77 15.36 5.34
CA LEU D 72 -1.22 13.97 5.21
C LEU D 72 -0.03 13.00 5.13
N LEU D 73 1.02 13.32 4.36
CA LEU D 73 2.10 12.39 4.02
C LEU D 73 3.23 12.32 5.05
N LEU D 74 3.63 13.42 5.68
CA LEU D 74 4.81 13.43 6.56
C LEU D 74 4.43 13.11 8.02
N PRO D 75 5.12 12.19 8.71
CA PRO D 75 4.92 11.92 10.13
C PRO D 75 5.27 13.10 11.04
N GLY D 76 4.49 13.31 12.09
CA GLY D 76 4.89 14.07 13.30
C GLY D 76 5.54 15.43 13.04
N GLU D 77 6.76 15.61 13.53
CA GLU D 77 7.52 16.86 13.42
C GLU D 77 8.10 17.11 12.02
N LEU D 78 8.26 16.09 11.17
CA LEU D 78 8.65 16.31 9.78
C LEU D 78 7.61 17.19 9.08
N ALA D 79 6.32 16.96 9.33
CA ALA D 79 5.26 17.79 8.77
C ALA D 79 5.36 19.23 9.26
N LYS D 80 5.47 19.46 10.57
CA LYS D 80 5.54 20.82 11.15
C LYS D 80 6.74 21.62 10.61
N HIS D 81 7.91 21.00 10.53
CA HIS D 81 9.11 21.64 10.00
C HIS D 81 9.06 21.82 8.47
N ALA D 82 8.53 20.87 7.71
CA ALA D 82 8.33 21.03 6.27
C ALA D 82 7.31 22.13 5.92
N VAL D 83 6.21 22.24 6.67
CA VAL D 83 5.22 23.30 6.51
C VAL D 83 5.79 24.68 6.85
N SER D 84 6.64 24.76 7.87
CA SER D 84 7.37 25.99 8.20
C SER D 84 8.22 26.46 7.02
N GLU D 85 9.03 25.57 6.46
CA GLU D 85 9.91 25.88 5.32
C GLU D 85 9.14 26.21 4.04
N GLY D 86 8.08 25.47 3.73
CA GLY D 86 7.20 25.77 2.58
C GLY D 86 6.55 27.15 2.66
N THR D 87 6.05 27.53 3.83
CA THR D 87 5.40 28.84 4.05
C THR D 87 6.41 30.00 4.03
N LYS D 88 7.59 29.79 4.62
CA LYS D 88 8.73 30.72 4.57
C LYS D 88 9.21 30.97 3.15
N ALA D 89 9.26 29.94 2.31
CA ALA D 89 9.64 30.08 0.90
C ALA D 89 8.63 30.88 0.09
N VAL D 90 7.34 30.56 0.19
CA VAL D 90 6.27 31.26 -0.54
C VAL D 90 6.15 32.72 -0.13
N THR D 91 6.30 33.04 1.16
CA THR D 91 6.28 34.45 1.61
C THR D 91 7.51 35.24 1.17
N LYS D 92 8.70 34.64 1.10
CA LYS D 92 9.89 35.28 0.51
C LYS D 92 9.73 35.49 -1.01
N TYR D 93 9.29 34.45 -1.72
CA TYR D 93 9.01 34.51 -3.17
C TYR D 93 7.99 35.60 -3.54
N THR D 94 6.84 35.65 -2.86
CA THR D 94 5.80 36.67 -3.14
C THR D 94 6.16 38.07 -2.66
N SER D 95 7.13 38.22 -1.74
CA SER D 95 7.73 39.52 -1.44
C SER D 95 8.71 39.98 -2.53
N ALA D 96 9.48 39.05 -3.10
CA ALA D 96 10.53 39.35 -4.08
C ALA D 96 10.06 39.39 -5.55
N LYS D 97 8.90 38.80 -5.88
CA LYS D 97 8.23 38.86 -7.19
C LYS D 97 7.79 40.28 -7.56
N PRO E 1 41.69 -29.82 22.07
CA PRO E 1 41.87 -28.59 21.25
C PRO E 1 40.83 -27.52 21.59
N HIS E 2 41.06 -26.27 21.17
CA HIS E 2 40.12 -25.18 21.39
C HIS E 2 38.82 -25.37 20.59
N ARG E 3 37.67 -25.02 21.19
CA ARG E 3 36.34 -25.12 20.55
C ARG E 3 35.35 -24.16 21.20
N TYR E 4 34.72 -23.29 20.42
CA TYR E 4 33.64 -22.43 20.92
C TYR E 4 32.35 -23.22 21.19
N ARG E 5 31.56 -22.79 22.16
CA ARG E 5 30.28 -23.40 22.56
C ARG E 5 29.19 -23.13 21.51
N PRO E 6 28.21 -24.02 21.32
CA PRO E 6 27.10 -23.81 20.38
C PRO E 6 26.42 -22.45 20.58
N GLY E 7 26.30 -21.70 19.50
CA GLY E 7 25.71 -20.36 19.47
C GLY E 7 26.70 -19.22 19.67
N THR E 8 27.94 -19.45 20.11
CA THR E 8 28.94 -18.39 20.25
C THR E 8 29.38 -17.87 18.89
N VAL E 9 29.61 -18.76 17.93
CA VAL E 9 29.99 -18.37 16.58
C VAL E 9 28.77 -17.88 15.80
N ALA E 10 27.58 -18.38 16.10
CA ALA E 10 26.33 -17.82 15.58
C ALA E 10 26.17 -16.34 15.97
N LEU E 11 26.40 -15.97 17.23
CA LEU E 11 26.35 -14.58 17.69
C LEU E 11 27.43 -13.69 17.03
N ARG E 12 28.63 -14.23 16.86
CA ARG E 12 29.72 -13.60 16.08
C ARG E 12 29.33 -13.36 14.62
N GLU E 13 28.69 -14.32 13.97
CA GLU E 13 28.16 -14.19 12.61
C GLU E 13 27.02 -13.17 12.53
N ILE E 14 26.08 -13.13 13.49
CA ILE E 14 25.06 -12.08 13.52
C ILE E 14 25.71 -10.69 13.56
N ARG E 15 26.71 -10.48 14.43
CA ARG E 15 27.42 -9.20 14.52
C ARG E 15 28.17 -8.84 13.23
N ARG E 16 28.84 -9.80 12.60
CA ARG E 16 29.51 -9.60 11.31
C ARG E 16 28.53 -9.16 10.21
N TYR E 17 27.46 -9.91 10.00
CA TYR E 17 26.53 -9.65 8.91
C TYR E 17 25.56 -8.48 9.17
N GLN E 18 25.28 -8.09 10.41
CA GLN E 18 24.56 -6.83 10.70
C GLN E 18 25.45 -5.58 10.62
N LYS E 19 26.78 -5.71 10.72
CA LYS E 19 27.74 -4.63 10.46
C LYS E 19 27.97 -4.40 8.95
N SER E 20 27.95 -5.46 8.16
CA SER E 20 28.26 -5.42 6.72
C SER E 20 27.04 -5.05 5.84
N THR E 21 27.29 -4.68 4.59
CA THR E 21 26.24 -4.30 3.62
C THR E 21 26.23 -5.09 2.32
N GLU E 22 27.26 -5.87 1.99
CA GLU E 22 27.31 -6.64 0.74
C GLU E 22 26.16 -7.66 0.62
N LEU E 23 25.87 -8.05 -0.61
CA LEU E 23 24.94 -9.13 -0.92
C LEU E 23 25.48 -10.48 -0.44
N LEU E 24 24.63 -11.26 0.22
CA LEU E 24 24.95 -12.50 0.91
C LEU E 24 24.68 -13.76 0.10
N ILE E 25 23.87 -13.68 -0.96
CA ILE E 25 23.73 -14.73 -1.98
C ILE E 25 24.86 -14.59 -3.02
N ARG E 26 25.39 -15.70 -3.54
CA ARG E 26 26.35 -15.72 -4.65
C ARG E 26 25.70 -15.15 -5.93
N LYS E 27 26.33 -14.19 -6.60
CA LYS E 27 25.69 -13.44 -7.71
C LYS E 27 25.36 -14.31 -8.92
N LEU E 28 26.27 -15.15 -9.41
CA LEU E 28 26.02 -16.01 -10.58
C LEU E 28 24.86 -17.02 -10.36
N PRO E 29 24.82 -17.79 -9.26
CA PRO E 29 23.65 -18.60 -8.91
C PRO E 29 22.33 -17.82 -8.84
N PHE E 30 22.30 -16.63 -8.24
CA PHE E 30 21.09 -15.81 -8.20
C PHE E 30 20.67 -15.33 -9.59
N GLN E 31 21.60 -14.89 -10.43
CA GLN E 31 21.33 -14.50 -11.80
C GLN E 31 20.73 -15.65 -12.63
N ARG E 32 21.23 -16.88 -12.48
CA ARG E 32 20.63 -18.05 -13.14
C ARG E 32 19.21 -18.32 -12.67
N LEU E 33 18.92 -18.14 -11.38
CA LEU E 33 17.55 -18.25 -10.84
C LEU E 33 16.61 -17.20 -11.44
N VAL E 34 17.04 -15.94 -11.58
CA VAL E 34 16.29 -14.87 -12.25
C VAL E 34 15.99 -15.22 -13.70
N ARG E 35 16.98 -15.66 -14.47
CA ARG E 35 16.79 -16.07 -15.87
C ARG E 35 15.87 -17.28 -16.02
N GLU E 36 15.99 -18.28 -15.14
CA GLU E 36 15.08 -19.42 -15.10
C GLU E 36 13.64 -18.99 -14.80
N ILE E 37 13.40 -18.14 -13.80
CA ILE E 37 12.06 -17.65 -13.51
C ILE E 37 11.50 -16.84 -14.68
N ALA E 38 12.31 -15.99 -15.31
CA ALA E 38 11.87 -15.15 -16.40
C ALA E 38 11.44 -15.92 -17.65
N GLN E 39 12.09 -17.06 -17.96
CA GLN E 39 11.82 -17.82 -19.18
C GLN E 39 10.37 -18.32 -19.27
N ASP E 40 9.70 -18.52 -18.13
CA ASP E 40 8.28 -18.89 -18.06
C ASP E 40 7.31 -17.74 -18.40
N PHE E 41 7.76 -16.49 -18.37
CA PHE E 41 6.96 -15.32 -18.76
C PHE E 41 7.16 -14.92 -20.23
N LYS E 42 8.41 -14.88 -20.72
CA LYS E 42 8.70 -15.10 -22.15
C LYS E 42 10.13 -15.59 -22.38
N THR E 43 10.33 -16.36 -23.43
CA THR E 43 11.65 -16.80 -23.91
C THR E 43 12.47 -15.65 -24.48
N ASP E 44 13.78 -15.81 -24.55
CA ASP E 44 14.73 -14.88 -25.18
C ASP E 44 14.82 -13.47 -24.54
N LEU E 45 14.44 -13.34 -23.27
CA LEU E 45 14.66 -12.10 -22.51
C LEU E 45 16.14 -11.88 -22.23
N ARG E 46 16.62 -10.66 -22.46
CA ARG E 46 17.88 -10.15 -21.93
C ARG E 46 17.66 -9.41 -20.61
N PHE E 47 18.69 -9.27 -19.80
CA PHE E 47 18.66 -8.46 -18.58
C PHE E 47 19.78 -7.43 -18.57
N GLN E 48 19.47 -6.18 -18.23
CA GLN E 48 20.51 -5.26 -17.80
C GLN E 48 21.19 -5.82 -16.55
N SER E 49 22.51 -5.67 -16.43
CA SER E 49 23.26 -6.10 -15.24
C SER E 49 22.69 -5.49 -13.94
N SER E 50 22.35 -4.21 -14.01
CA SER E 50 21.68 -3.46 -12.94
C SER E 50 20.25 -3.94 -12.63
N ALA E 51 19.53 -4.60 -13.56
CA ALA E 51 18.23 -5.20 -13.30
C ALA E 51 18.37 -6.42 -12.40
N VAL E 52 19.34 -7.29 -12.68
CA VAL E 52 19.66 -8.45 -11.84
C VAL E 52 20.11 -7.99 -10.45
N MET E 53 20.95 -6.96 -10.36
CA MET E 53 21.36 -6.41 -9.07
C MET E 53 20.21 -5.77 -8.30
N ALA E 54 19.29 -5.07 -8.97
CA ALA E 54 18.07 -4.57 -8.35
C ALA E 54 17.19 -5.70 -7.79
N LEU E 55 16.98 -6.78 -8.56
CA LEU E 55 16.27 -7.97 -8.09
C LEU E 55 16.96 -8.62 -6.90
N GLN E 56 18.29 -8.73 -6.89
CA GLN E 56 19.01 -9.31 -5.77
C GLN E 56 18.92 -8.45 -4.51
N GLU E 57 19.10 -7.13 -4.61
CA GLU E 57 18.97 -6.21 -3.50
C GLU E 57 17.57 -6.24 -2.88
N ALA E 58 16.52 -6.26 -3.70
CA ALA E 58 15.15 -6.39 -3.23
C ALA E 58 14.87 -7.77 -2.59
N SER E 59 15.37 -8.85 -3.19
CA SER E 59 15.16 -10.22 -2.68
C SER E 59 15.85 -10.46 -1.35
N GLU E 60 17.09 -10.01 -1.20
CA GLU E 60 17.80 -10.16 0.07
C GLU E 60 17.21 -9.27 1.15
N ALA E 61 16.80 -8.04 0.84
CA ALA E 61 16.11 -7.20 1.81
C ALA E 61 14.80 -7.85 2.29
N TYR E 62 14.02 -8.41 1.36
CA TYR E 62 12.80 -9.14 1.66
C TYR E 62 13.06 -10.38 2.55
N LEU E 63 14.03 -11.24 2.22
CA LEU E 63 14.35 -12.41 3.03
C LEU E 63 14.89 -12.05 4.41
N VAL E 64 15.79 -11.07 4.52
CA VAL E 64 16.31 -10.61 5.81
C VAL E 64 15.18 -10.09 6.70
N ALA E 65 14.29 -9.24 6.18
CA ALA E 65 13.18 -8.71 6.96
C ALA E 65 12.19 -9.82 7.38
N LEU E 66 11.97 -10.82 6.53
CA LEU E 66 11.16 -11.98 6.87
C LEU E 66 11.84 -12.84 7.96
N PHE E 67 13.16 -13.03 7.93
CA PHE E 67 13.88 -13.69 9.02
C PHE E 67 13.78 -12.94 10.34
N GLU E 68 13.80 -11.61 10.36
CA GLU E 68 13.50 -10.85 11.59
C GLU E 68 12.11 -11.19 12.17
N ASP E 69 11.06 -11.15 11.34
CA ASP E 69 9.69 -11.48 11.77
C ASP E 69 9.53 -12.95 12.16
N THR E 70 10.20 -13.86 11.45
CA THR E 70 10.28 -15.28 11.78
C THR E 70 10.95 -15.51 13.13
N ASN E 71 12.03 -14.79 13.42
CA ASN E 71 12.73 -14.89 14.70
C ASN E 71 11.85 -14.43 15.87
N LEU E 72 11.05 -13.38 15.69
CA LEU E 72 10.04 -12.98 16.67
C LEU E 72 8.97 -14.05 16.90
N ALA E 73 8.48 -14.71 15.85
CA ALA E 73 7.55 -15.83 15.98
C ALA E 73 8.16 -17.04 16.74
N ALA E 74 9.43 -17.37 16.54
CA ALA E 74 10.14 -18.40 17.30
C ALA E 74 10.23 -18.06 18.79
N ILE E 75 10.66 -16.83 19.11
CA ILE E 75 10.82 -16.34 20.48
C ILE E 75 9.48 -16.28 21.22
N HIS E 76 8.41 -15.90 20.53
CA HIS E 76 7.05 -15.92 21.07
C HIS E 76 6.60 -17.33 21.49
N ALA E 77 6.97 -18.35 20.72
CA ALA E 77 6.76 -19.76 21.04
C ALA E 77 7.78 -20.37 22.03
N LYS E 78 8.56 -19.54 22.75
CA LYS E 78 9.59 -19.94 23.73
C LYS E 78 10.73 -20.77 23.13
N ARG E 79 11.08 -20.54 21.86
CA ARG E 79 12.19 -21.19 21.16
C ARG E 79 13.24 -20.17 20.74
N VAL E 80 14.50 -20.60 20.66
CA VAL E 80 15.59 -19.82 20.04
C VAL E 80 15.88 -20.29 18.62
N THR E 81 15.28 -21.41 18.21
CA THR E 81 15.44 -22.02 16.89
C THR E 81 14.27 -21.65 15.99
N ILE E 82 14.53 -21.03 14.84
CA ILE E 82 13.49 -20.81 13.84
C ILE E 82 13.13 -22.11 13.12
N MET E 83 11.85 -22.28 12.79
CA MET E 83 11.26 -23.45 12.14
C MET E 83 10.30 -23.01 11.03
N PRO E 84 9.95 -23.88 10.06
CA PRO E 84 9.02 -23.53 8.98
C PRO E 84 7.71 -22.90 9.45
N LYS E 85 7.14 -23.39 10.57
CA LYS E 85 5.94 -22.80 11.18
C LYS E 85 6.10 -21.34 11.62
N ASP E 86 7.31 -20.87 11.93
CA ASP E 86 7.57 -19.47 12.23
C ASP E 86 7.55 -18.59 10.98
N ILE E 87 8.06 -19.08 9.85
CA ILE E 87 7.97 -18.42 8.54
C ILE E 87 6.50 -18.36 8.11
N GLN E 88 5.78 -19.47 8.27
CA GLN E 88 4.38 -19.57 7.89
C GLN E 88 3.49 -18.61 8.70
N LEU E 89 3.74 -18.45 10.00
CA LEU E 89 3.05 -17.45 10.83
C LEU E 89 3.40 -16.03 10.40
N ALA E 90 4.69 -15.70 10.23
CA ALA E 90 5.11 -14.38 9.80
C ALA E 90 4.42 -13.98 8.48
N ARG E 91 4.44 -14.85 7.47
CA ARG E 91 3.79 -14.58 6.17
C ARG E 91 2.27 -14.52 6.23
N ARG E 92 1.61 -15.31 7.09
CA ARG E 92 0.17 -15.21 7.29
C ARG E 92 -0.23 -13.89 7.96
N ILE E 93 0.47 -13.45 9.01
CA ILE E 93 0.15 -12.19 9.69
C ILE E 93 0.49 -10.97 8.81
N ARG E 94 1.55 -11.04 8.00
CA ARG E 94 1.86 -10.04 6.96
C ARG E 94 0.78 -9.90 5.88
N GLY E 95 -0.09 -10.89 5.70
CA GLY E 95 -1.05 -10.94 4.61
C GLY E 95 -0.47 -11.44 3.27
N GLU E 96 0.71 -12.06 3.29
CA GLU E 96 1.29 -12.75 2.12
C GLU E 96 0.71 -14.15 1.93
N ARG E 97 0.42 -14.85 3.04
CA ARG E 97 -0.05 -16.24 3.06
C ARG E 97 -1.55 -16.31 3.36
N ALA E 98 -2.28 -17.12 2.57
CA ALA E 98 -3.72 -17.36 2.70
C ALA E 98 -4.06 -18.43 3.76
N LYS F 1 19.14 -25.49 -24.19
CA LYS F 1 18.54 -24.15 -24.32
C LYS F 1 18.06 -23.62 -22.96
N VAL F 2 16.90 -24.08 -22.45
CA VAL F 2 16.29 -23.59 -21.20
C VAL F 2 17.12 -23.94 -19.95
N LEU F 3 17.03 -23.09 -18.92
CA LEU F 3 17.61 -23.34 -17.59
C LEU F 3 16.67 -24.22 -16.72
N ARG F 4 17.22 -24.94 -15.74
CA ARG F 4 16.43 -25.67 -14.71
C ARG F 4 17.13 -25.77 -13.34
N ASP F 5 16.30 -25.89 -12.30
CA ASP F 5 16.66 -26.21 -10.90
C ASP F 5 17.69 -25.29 -10.20
N ASN F 6 17.78 -24.01 -10.58
CA ASN F 6 18.76 -23.07 -10.04
C ASN F 6 18.44 -22.57 -8.61
N ILE F 7 17.24 -22.81 -8.09
CA ILE F 7 16.90 -22.48 -6.70
C ILE F 7 17.79 -23.20 -5.68
N GLN F 8 18.32 -24.38 -6.01
CA GLN F 8 19.27 -25.11 -5.16
C GLN F 8 20.66 -24.46 -5.13
N GLY F 9 20.96 -23.55 -6.07
CA GLY F 9 22.13 -22.66 -6.02
C GLY F 9 21.99 -21.51 -5.01
N ILE F 10 20.80 -21.31 -4.45
CA ILE F 10 20.63 -20.54 -3.22
C ILE F 10 20.99 -21.49 -2.06
N THR F 11 22.25 -21.44 -1.66
CA THR F 11 22.88 -22.45 -0.81
C THR F 11 22.43 -22.35 0.65
N LYS F 12 22.53 -23.45 1.40
CA LYS F 12 22.36 -23.46 2.85
C LYS F 12 23.19 -22.36 3.54
N PRO F 13 24.50 -22.21 3.31
CA PRO F 13 25.26 -21.11 3.91
C PRO F 13 24.82 -19.71 3.47
N ALA F 14 24.31 -19.50 2.26
CA ALA F 14 23.72 -18.21 1.88
C ALA F 14 22.46 -17.89 2.70
N ILE F 15 21.56 -18.87 2.82
CA ILE F 15 20.33 -18.73 3.62
C ILE F 15 20.68 -18.50 5.10
N ARG F 16 21.69 -19.18 5.64
CA ARG F 16 22.22 -18.92 6.98
C ARG F 16 22.73 -17.49 7.12
N ARG F 17 23.53 -16.96 6.20
CA ARG F 17 23.97 -15.56 6.24
C ARG F 17 22.80 -14.56 6.22
N LEU F 18 21.79 -14.78 5.38
CA LEU F 18 20.59 -13.95 5.39
C LEU F 18 19.87 -14.02 6.74
N ALA F 19 19.70 -15.21 7.30
CA ALA F 19 19.14 -15.39 8.63
C ALA F 19 19.97 -14.71 9.72
N ARG F 20 21.31 -14.74 9.65
CA ARG F 20 22.21 -14.02 10.56
C ARG F 20 22.05 -12.50 10.47
N ARG F 21 21.95 -11.93 9.26
CA ARG F 21 21.61 -10.51 9.10
C ARG F 21 20.23 -10.21 9.68
N GLY F 22 19.27 -11.12 9.55
CA GLY F 22 17.98 -11.10 10.24
C GLY F 22 18.03 -11.34 11.76
N GLY F 23 19.20 -11.51 12.38
CA GLY F 23 19.39 -11.70 13.81
C GLY F 23 19.12 -13.12 14.33
N VAL F 24 19.00 -14.12 13.46
CA VAL F 24 18.69 -15.51 13.83
C VAL F 24 19.91 -16.24 14.40
N LYS F 25 19.82 -16.74 15.64
CA LYS F 25 20.87 -17.53 16.30
C LYS F 25 20.86 -19.02 15.91
N ARG F 26 19.69 -19.65 15.77
CA ARG F 26 19.59 -21.10 15.55
C ARG F 26 18.54 -21.45 14.50
N ILE F 27 18.87 -22.34 13.58
CA ILE F 27 18.07 -22.59 12.37
C ILE F 27 17.74 -24.08 12.24
N SER F 28 16.45 -24.43 12.19
CA SER F 28 16.02 -25.79 11.87
C SER F 28 16.39 -26.20 10.44
N GLY F 29 16.79 -27.44 10.20
CA GLY F 29 17.16 -27.94 8.88
C GLY F 29 16.06 -27.90 7.81
N LEU F 30 14.80 -27.79 8.23
CA LEU F 30 13.65 -27.62 7.33
C LEU F 30 13.52 -26.19 6.78
N ILE F 31 14.20 -25.19 7.36
CA ILE F 31 14.14 -23.79 6.94
C ILE F 31 14.64 -23.56 5.52
N TYR F 32 15.68 -24.27 5.08
CA TYR F 32 16.31 -23.99 3.78
C TYR F 32 15.37 -24.22 2.60
N GLU F 33 14.60 -25.32 2.59
CA GLU F 33 13.57 -25.55 1.57
C GLU F 33 12.38 -24.59 1.69
N GLU F 34 11.95 -24.25 2.91
CA GLU F 34 10.86 -23.28 3.11
C GLU F 34 11.26 -21.90 2.56
N THR F 35 12.50 -21.48 2.80
CA THR F 35 13.07 -20.21 2.33
C THR F 35 13.22 -20.18 0.82
N ARG F 36 13.66 -21.26 0.19
CA ARG F 36 13.71 -21.41 -1.27
C ARG F 36 12.33 -21.26 -1.91
N GLY F 37 11.30 -21.91 -1.35
CA GLY F 37 9.92 -21.77 -1.81
C GLY F 37 9.41 -20.33 -1.70
N VAL F 38 9.70 -19.67 -0.58
CA VAL F 38 9.35 -18.26 -0.36
C VAL F 38 10.06 -17.32 -1.34
N LEU F 39 11.36 -17.51 -1.57
CA LEU F 39 12.13 -16.72 -2.53
C LEU F 39 11.61 -16.92 -3.95
N LYS F 40 11.35 -18.15 -4.40
CA LYS F 40 10.82 -18.38 -5.75
C LYS F 40 9.47 -17.69 -5.95
N VAL F 41 8.58 -17.72 -4.97
CA VAL F 41 7.30 -16.98 -5.03
C VAL F 41 7.49 -15.46 -5.10
N PHE F 42 8.38 -14.89 -4.28
CA PHE F 42 8.70 -13.47 -4.33
C PHE F 42 9.25 -13.05 -5.70
N LEU F 43 10.24 -13.77 -6.22
CA LEU F 43 10.85 -13.47 -7.52
C LEU F 43 9.87 -13.66 -8.67
N GLU F 44 9.03 -14.69 -8.66
CA GLU F 44 8.00 -14.86 -9.68
C GLU F 44 7.05 -13.67 -9.72
N ASN F 45 6.63 -13.13 -8.57
CA ASN F 45 5.76 -11.96 -8.56
C ASN F 45 6.45 -10.71 -9.11
N VAL F 46 7.69 -10.42 -8.74
CA VAL F 46 8.38 -9.23 -9.22
C VAL F 46 8.73 -9.35 -10.70
N ILE F 47 9.24 -10.50 -11.14
CA ILE F 47 9.68 -10.70 -12.52
C ILE F 47 8.49 -10.73 -13.48
N ARG F 48 7.33 -11.31 -13.12
CA ARG F 48 6.11 -11.24 -13.94
C ARG F 48 5.71 -9.79 -14.24
N ASP F 49 5.68 -8.92 -13.23
CA ASP F 49 5.39 -7.50 -13.44
C ASP F 49 6.50 -6.79 -14.20
N ALA F 50 7.78 -7.03 -13.89
CA ALA F 50 8.89 -6.42 -14.61
C ALA F 50 8.84 -6.78 -16.09
N VAL F 51 8.65 -8.06 -16.42
CA VAL F 51 8.49 -8.51 -17.80
C VAL F 51 7.23 -7.94 -18.46
N THR F 52 6.15 -7.70 -17.70
CA THR F 52 4.97 -6.99 -18.20
C THR F 52 5.29 -5.55 -18.58
N TYR F 53 6.08 -4.82 -17.79
CA TYR F 53 6.60 -3.51 -18.20
C TYR F 53 7.51 -3.61 -19.44
N THR F 54 8.42 -4.59 -19.52
CA THR F 54 9.31 -4.79 -20.67
C THR F 54 8.53 -5.02 -21.96
N GLU F 55 7.50 -5.87 -21.93
CA GLU F 55 6.64 -6.13 -23.08
C GLU F 55 5.81 -4.93 -23.48
N HIS F 56 5.32 -4.13 -22.53
CA HIS F 56 4.58 -2.92 -22.85
C HIS F 56 5.44 -1.91 -23.61
N ALA F 57 6.69 -1.73 -23.20
CA ALA F 57 7.70 -0.93 -23.89
C ALA F 57 8.15 -1.52 -25.24
N LYS F 58 7.71 -2.72 -25.61
CA LYS F 58 8.12 -3.47 -26.82
C LYS F 58 9.62 -3.81 -26.84
N ARG F 59 10.26 -3.84 -25.67
CA ARG F 59 11.67 -4.20 -25.49
C ARG F 59 11.86 -5.71 -25.37
N LYS F 60 13.08 -6.18 -25.58
CA LYS F 60 13.53 -7.56 -25.33
C LYS F 60 14.42 -7.66 -24.08
N THR F 61 14.91 -6.53 -23.59
CA THR F 61 15.79 -6.42 -22.43
C THR F 61 15.02 -5.87 -21.24
N VAL F 62 14.96 -6.64 -20.15
CA VAL F 62 14.47 -6.20 -18.84
C VAL F 62 15.46 -5.19 -18.27
N THR F 63 15.02 -3.96 -18.07
CA THR F 63 15.85 -2.88 -17.53
C THR F 63 15.76 -2.80 -16.01
N ALA F 64 16.70 -2.11 -15.37
CA ALA F 64 16.58 -1.81 -13.95
C ALA F 64 15.32 -1.00 -13.63
N MET F 65 14.87 -0.14 -14.54
CA MET F 65 13.60 0.58 -14.37
C MET F 65 12.38 -0.33 -14.39
N ASP F 66 12.33 -1.37 -15.24
CA ASP F 66 11.24 -2.35 -15.21
C ASP F 66 11.13 -3.03 -13.83
N VAL F 67 12.27 -3.40 -13.25
CA VAL F 67 12.36 -3.99 -11.91
C VAL F 67 11.93 -2.98 -10.85
N VAL F 68 12.41 -1.74 -10.90
CA VAL F 68 12.05 -0.68 -9.96
C VAL F 68 10.55 -0.37 -10.00
N TYR F 69 9.93 -0.32 -11.18
CA TYR F 69 8.49 -0.14 -11.31
C TYR F 69 7.70 -1.35 -10.79
N ALA F 70 8.12 -2.58 -11.09
CA ALA F 70 7.49 -3.78 -10.57
C ALA F 70 7.54 -3.85 -9.04
N LEU F 71 8.67 -3.49 -8.43
CA LEU F 71 8.83 -3.40 -6.98
C LEU F 71 7.96 -2.29 -6.36
N LYS F 72 7.95 -1.08 -6.95
CA LYS F 72 7.06 0.02 -6.52
C LYS F 72 5.58 -0.35 -6.60
N ARG F 73 5.14 -1.00 -7.68
CA ARG F 73 3.74 -1.42 -7.85
C ARG F 73 3.30 -2.42 -6.77
N GLN F 74 4.21 -3.30 -6.36
CA GLN F 74 4.00 -4.26 -5.25
C GLN F 74 4.26 -3.68 -3.85
N GLY F 75 4.44 -2.36 -3.71
CA GLY F 75 4.62 -1.71 -2.42
C GLY F 75 5.97 -1.99 -1.75
N ARG F 76 7.02 -2.21 -2.55
CA ARG F 76 8.39 -2.50 -2.11
C ARG F 76 9.42 -1.63 -2.82
N THR F 77 9.20 -0.32 -2.83
CA THR F 77 10.04 0.69 -3.49
C THR F 77 11.54 0.51 -3.20
N LEU F 78 12.36 0.46 -4.25
CA LEU F 78 13.82 0.33 -4.17
C LEU F 78 14.50 1.63 -4.59
N TYR F 79 15.32 2.22 -3.72
CA TYR F 79 16.18 3.36 -4.04
C TYR F 79 17.57 2.89 -4.47
N GLY F 80 18.22 3.61 -5.40
CA GLY F 80 19.60 3.36 -5.81
C GLY F 80 19.81 2.72 -7.19
N PHE F 81 18.74 2.47 -7.94
CA PHE F 81 18.75 1.93 -9.31
C PHE F 81 17.99 2.82 -10.32
N GLY F 82 17.74 4.08 -9.96
CA GLY F 82 16.88 5.01 -10.70
C GLY F 82 15.50 5.19 -10.07
N GLY F 83 14.56 5.76 -10.83
CA GLY F 83 13.23 6.13 -10.35
C GLY F 83 13.25 7.25 -9.31
N THR G 1 -29.25 15.78 -43.48
CA THR G 1 -29.56 15.60 -42.05
C THR G 1 -28.58 14.64 -41.41
N ARG G 2 -28.27 14.80 -40.11
CA ARG G 2 -27.43 13.83 -39.37
C ARG G 2 -28.15 12.50 -39.15
N ALA G 3 -27.43 11.38 -39.18
CA ALA G 3 -27.98 10.06 -38.86
C ALA G 3 -28.40 9.96 -37.39
N LYS G 4 -29.34 9.05 -37.07
CA LYS G 4 -29.79 8.82 -35.69
C LYS G 4 -28.62 8.36 -34.81
N ALA G 5 -28.42 9.04 -33.69
CA ALA G 5 -27.37 8.72 -32.74
C ALA G 5 -27.55 7.32 -32.12
N LYS G 6 -26.47 6.56 -31.98
CA LYS G 6 -26.43 5.32 -31.16
C LYS G 6 -25.23 5.30 -30.24
N THR G 7 -25.40 4.79 -29.02
CA THR G 7 -24.36 4.82 -27.99
C THR G 7 -23.12 4.02 -28.41
N ARG G 8 -21.92 4.51 -28.07
CA ARG G 8 -20.67 3.73 -28.22
C ARG G 8 -20.71 2.46 -27.40
N SER G 9 -21.44 2.45 -26.29
CA SER G 9 -21.77 1.25 -25.51
C SER G 9 -22.45 0.19 -26.38
N SER G 10 -23.47 0.57 -27.18
CA SER G 10 -24.16 -0.36 -28.08
C SER G 10 -23.29 -0.81 -29.26
N ARG G 11 -22.46 0.07 -29.84
CA ARG G 11 -21.48 -0.32 -30.87
C ARG G 11 -20.46 -1.34 -30.34
N ALA G 12 -20.07 -1.24 -29.08
CA ALA G 12 -19.19 -2.18 -28.40
C ALA G 12 -19.88 -3.47 -27.90
N GLY G 13 -21.22 -3.47 -27.77
CA GLY G 13 -21.98 -4.58 -27.19
C GLY G 13 -21.93 -4.61 -25.66
N LEU G 14 -21.89 -3.45 -25.02
CA LEU G 14 -21.70 -3.27 -23.57
C LEU G 14 -22.95 -2.66 -22.91
N GLN G 15 -23.17 -3.03 -21.65
CA GLN G 15 -24.11 -2.35 -20.75
C GLN G 15 -23.46 -1.12 -20.10
N PHE G 16 -22.18 -1.19 -19.72
CA PHE G 16 -21.47 -0.09 -19.06
C PHE G 16 -21.19 1.10 -20.02
N PRO G 17 -21.26 2.34 -19.51
CA PRO G 17 -21.40 3.55 -20.33
C PRO G 17 -20.07 4.04 -20.92
N VAL G 18 -19.75 3.66 -22.16
CA VAL G 18 -18.49 3.99 -22.83
C VAL G 18 -18.24 5.50 -22.89
N GLY G 19 -19.27 6.31 -23.14
CA GLY G 19 -19.17 7.76 -23.18
C GLY G 19 -18.83 8.41 -21.84
N ARG G 20 -19.44 7.93 -20.76
CA ARG G 20 -19.12 8.34 -19.39
C ARG G 20 -17.71 7.91 -18.99
N VAL G 21 -17.30 6.67 -19.30
CA VAL G 21 -15.93 6.20 -19.07
C VAL G 21 -14.93 7.08 -19.84
N HIS G 22 -15.21 7.43 -21.09
CA HIS G 22 -14.36 8.31 -21.89
C HIS G 22 -14.21 9.70 -21.28
N ARG G 23 -15.31 10.28 -20.79
CA ARG G 23 -15.31 11.58 -20.14
C ARG G 23 -14.60 11.54 -18.79
N LEU G 24 -14.74 10.47 -18.01
CA LEU G 24 -13.98 10.26 -16.78
C LEU G 24 -12.47 10.09 -17.06
N LEU G 25 -12.08 9.37 -18.11
CA LEU G 25 -10.67 9.29 -18.54
C LEU G 25 -10.11 10.66 -18.98
N ARG G 26 -10.85 11.44 -19.77
CA ARG G 26 -10.43 12.78 -20.20
C ARG G 26 -10.34 13.81 -19.07
N LYS G 27 -11.29 13.80 -18.13
CA LYS G 27 -11.35 14.77 -17.02
C LYS G 27 -10.58 14.36 -15.77
N GLY G 28 -10.16 13.11 -15.64
CA GLY G 28 -9.50 12.56 -14.46
C GLY G 28 -7.99 12.78 -14.35
N ASN G 29 -7.38 13.54 -15.27
CA ASN G 29 -5.94 13.83 -15.30
C ASN G 29 -5.06 12.57 -15.36
N TYR G 30 -5.41 11.60 -16.21
CA TYR G 30 -4.61 10.39 -16.38
C TYR G 30 -3.51 10.55 -17.43
N ALA G 31 -3.79 11.27 -18.51
CA ALA G 31 -2.86 11.60 -19.58
C ALA G 31 -3.37 12.82 -20.36
N GLU G 32 -2.53 13.39 -21.22
CA GLU G 32 -2.89 14.53 -22.07
C GLU G 32 -4.02 14.17 -23.07
N ARG G 33 -3.98 12.94 -23.60
CA ARG G 33 -4.87 12.43 -24.65
C ARG G 33 -5.44 11.07 -24.25
N VAL G 34 -6.65 10.74 -24.69
CA VAL G 34 -7.28 9.42 -24.50
C VAL G 34 -7.62 8.81 -25.86
N GLY G 35 -7.16 7.58 -26.12
CA GLY G 35 -7.48 6.87 -27.35
C GLY G 35 -8.94 6.41 -27.43
N ALA G 36 -9.51 6.31 -28.63
CA ALA G 36 -10.91 5.95 -28.83
C ALA G 36 -11.28 4.54 -28.31
N GLY G 37 -10.36 3.59 -28.40
CA GLY G 37 -10.53 2.23 -27.88
C GLY G 37 -10.31 2.09 -26.36
N ALA G 38 -9.67 3.06 -25.70
CA ALA G 38 -9.42 3.02 -24.26
C ALA G 38 -10.70 2.93 -23.42
N PRO G 39 -11.73 3.79 -23.60
CA PRO G 39 -12.94 3.71 -22.81
C PRO G 39 -13.77 2.45 -23.11
N VAL G 40 -13.73 1.93 -24.33
CA VAL G 40 -14.39 0.66 -24.69
C VAL G 40 -13.77 -0.52 -23.95
N TYR G 41 -12.44 -0.63 -23.95
CA TYR G 41 -11.71 -1.66 -23.21
C TYR G 41 -11.96 -1.56 -21.71
N LEU G 42 -11.86 -0.37 -21.12
CA LEU G 42 -12.06 -0.16 -19.70
C LEU G 42 -13.51 -0.43 -19.28
N ALA G 43 -14.50 0.05 -20.05
CA ALA G 43 -15.92 -0.22 -19.78
C ALA G 43 -16.20 -1.73 -19.80
N ALA G 44 -15.63 -2.47 -20.75
CA ALA G 44 -15.79 -3.92 -20.83
C ALA G 44 -15.20 -4.65 -19.60
N VAL G 45 -14.05 -4.20 -19.10
CA VAL G 45 -13.41 -4.78 -17.91
C VAL G 45 -14.22 -4.49 -16.64
N LEU G 46 -14.72 -3.26 -16.47
CA LEU G 46 -15.59 -2.93 -15.33
C LEU G 46 -16.89 -3.73 -15.37
N GLU G 47 -17.49 -3.89 -16.54
CA GLU G 47 -18.66 -4.72 -16.73
C GLU G 47 -18.41 -6.19 -16.41
N TYR G 48 -17.31 -6.76 -16.90
CA TYR G 48 -16.91 -8.14 -16.61
C TYR G 48 -16.68 -8.35 -15.09
N LEU G 49 -15.95 -7.46 -14.44
CA LEU G 49 -15.67 -7.60 -13.03
C LEU G 49 -16.93 -7.42 -12.17
N THR G 50 -17.84 -6.55 -12.60
CA THR G 50 -19.20 -6.45 -12.04
C THR G 50 -19.95 -7.77 -12.18
N ALA G 51 -19.97 -8.37 -13.37
CA ALA G 51 -20.61 -9.66 -13.62
C ALA G 51 -20.00 -10.82 -12.80
N GLU G 52 -18.68 -10.87 -12.59
CA GLU G 52 -18.03 -11.84 -11.72
C GLU G 52 -18.49 -11.75 -10.26
N ILE G 53 -18.47 -10.55 -9.66
CA ILE G 53 -18.94 -10.37 -8.28
C ILE G 53 -20.44 -10.69 -8.18
N LEU G 54 -21.26 -10.14 -9.07
CA LEU G 54 -22.71 -10.34 -9.01
C LEU G 54 -23.14 -11.78 -9.24
N GLU G 55 -22.42 -12.55 -10.05
CA GLU G 55 -22.77 -13.95 -10.28
C GLU G 55 -22.58 -14.76 -8.99
N LEU G 56 -21.42 -14.60 -8.35
CA LEU G 56 -21.12 -15.22 -7.07
C LEU G 56 -22.01 -14.69 -5.93
N ALA G 57 -22.34 -13.40 -5.90
CA ALA G 57 -23.21 -12.83 -4.88
C ALA G 57 -24.67 -13.26 -5.04
N GLY G 58 -25.17 -13.38 -6.28
CA GLY G 58 -26.49 -13.95 -6.52
C GLY G 58 -26.54 -15.45 -6.18
N ASN G 59 -25.44 -16.19 -6.37
CA ASN G 59 -25.32 -17.56 -5.88
C ASN G 59 -25.35 -17.61 -4.35
N ALA G 60 -24.63 -16.71 -3.67
CA ALA G 60 -24.65 -16.62 -2.21
C ALA G 60 -26.04 -16.26 -1.67
N ALA G 61 -26.75 -15.33 -2.32
CA ALA G 61 -28.12 -14.97 -1.99
C ALA G 61 -29.05 -16.19 -2.07
N ARG G 62 -29.01 -16.92 -3.21
CA ARG G 62 -29.76 -18.15 -3.46
C ARG G 62 -29.44 -19.24 -2.44
N ASP G 63 -28.18 -19.45 -2.08
CA ASP G 63 -27.78 -20.40 -1.05
C ASP G 63 -28.31 -20.03 0.35
N ASN G 64 -28.35 -18.73 0.68
CA ASN G 64 -28.98 -18.21 1.89
C ASN G 64 -30.52 -18.10 1.80
N LYS G 65 -31.13 -18.63 0.72
CA LYS G 65 -32.57 -18.64 0.43
C LYS G 65 -33.24 -17.27 0.21
N LYS G 66 -32.45 -16.21 0.06
CA LYS G 66 -32.87 -14.83 -0.20
C LYS G 66 -32.90 -14.54 -1.71
N THR G 67 -33.83 -13.72 -2.20
CA THR G 67 -33.82 -13.28 -3.61
C THR G 67 -33.13 -11.94 -3.85
N ARG G 68 -32.78 -11.19 -2.80
CA ARG G 68 -32.09 -9.90 -2.87
C ARG G 68 -30.63 -10.02 -2.41
N ILE G 69 -29.69 -9.51 -3.21
CA ILE G 69 -28.28 -9.37 -2.82
C ILE G 69 -28.16 -8.28 -1.73
N ILE G 70 -27.57 -8.63 -0.60
CA ILE G 70 -27.26 -7.73 0.51
C ILE G 70 -25.74 -7.71 0.75
N PRO G 71 -25.17 -6.73 1.47
CA PRO G 71 -23.71 -6.64 1.67
C PRO G 71 -23.02 -7.94 2.10
N ARG G 72 -23.68 -8.75 2.95
CA ARG G 72 -23.26 -10.11 3.32
C ARG G 72 -22.94 -10.99 2.12
N HIS G 73 -23.79 -11.02 1.09
CA HIS G 73 -23.62 -11.87 -0.09
C HIS G 73 -22.43 -11.43 -0.94
N LEU G 74 -22.16 -10.13 -1.04
CA LEU G 74 -20.94 -9.60 -1.66
C LEU G 74 -19.68 -10.01 -0.90
N GLN G 75 -19.70 -9.96 0.44
CA GLN G 75 -18.59 -10.46 1.26
C GLN G 75 -18.37 -11.96 1.11
N LEU G 76 -19.41 -12.79 1.15
CA LEU G 76 -19.29 -14.23 0.91
C LEU G 76 -18.77 -14.51 -0.50
N ALA G 77 -19.29 -13.84 -1.52
CA ALA G 77 -18.79 -13.95 -2.89
C ALA G 77 -17.28 -13.65 -2.97
N VAL G 78 -16.85 -12.50 -2.45
CA VAL G 78 -15.46 -12.04 -2.53
C VAL G 78 -14.52 -12.94 -1.73
N ARG G 79 -14.81 -13.26 -0.46
CA ARG G 79 -13.87 -14.00 0.40
C ARG G 79 -13.81 -15.49 0.10
N ASN G 80 -14.84 -16.10 -0.46
CA ASN G 80 -14.80 -17.48 -0.92
C ASN G 80 -14.14 -17.67 -2.30
N ASP G 81 -13.81 -16.60 -3.04
CA ASP G 81 -13.03 -16.68 -4.29
C ASP G 81 -11.61 -16.14 -4.07
N GLU G 82 -10.58 -16.97 -4.27
CA GLU G 82 -9.20 -16.56 -4.01
C GLU G 82 -8.73 -15.37 -4.85
N GLU G 83 -9.20 -15.20 -6.08
CA GLU G 83 -8.79 -14.10 -6.95
C GLU G 83 -9.50 -12.79 -6.61
N LEU G 84 -10.81 -12.78 -6.38
CA LEU G 84 -11.48 -11.58 -5.89
C LEU G 84 -11.00 -11.21 -4.47
N ASN G 85 -10.69 -12.18 -3.62
CA ASN G 85 -10.09 -11.90 -2.33
C ASN G 85 -8.69 -11.27 -2.47
N LYS G 86 -7.86 -11.69 -3.43
CA LYS G 86 -6.60 -11.01 -3.75
C LYS G 86 -6.82 -9.59 -4.28
N LEU G 87 -7.79 -9.38 -5.20
CA LEU G 87 -8.10 -8.06 -5.73
C LEU G 87 -8.59 -7.10 -4.65
N LEU G 88 -9.41 -7.58 -3.72
CA LEU G 88 -10.06 -6.83 -2.67
C LEU G 88 -9.45 -7.08 -1.27
N GLY G 89 -8.18 -7.46 -1.19
CA GLY G 89 -7.52 -7.85 0.06
C GLY G 89 -7.35 -6.71 1.08
N ARG G 90 -7.20 -5.48 0.60
CA ARG G 90 -7.16 -4.23 1.39
C ARG G 90 -8.52 -3.54 1.56
N VAL G 91 -9.61 -4.16 1.10
CA VAL G 91 -10.95 -3.57 1.07
C VAL G 91 -11.82 -4.13 2.20
N THR G 92 -12.52 -3.23 2.90
CA THR G 92 -13.60 -3.56 3.84
C THR G 92 -14.95 -3.34 3.16
N ILE G 93 -15.86 -4.31 3.26
CA ILE G 93 -17.25 -4.18 2.82
C ILE G 93 -18.09 -3.89 4.05
N ALA G 94 -18.76 -2.74 4.10
CA ALA G 94 -19.64 -2.38 5.23
C ALA G 94 -20.81 -3.38 5.36
N GLN G 95 -21.17 -3.78 6.58
CA GLN G 95 -22.14 -4.85 6.86
C GLN G 95 -21.85 -6.20 6.16
N GLY G 96 -20.60 -6.49 5.80
CA GLY G 96 -20.24 -7.76 5.16
C GLY G 96 -20.06 -8.93 6.14
N GLY G 97 -19.67 -8.66 7.39
CA GLY G 97 -19.23 -9.67 8.35
C GLY G 97 -17.92 -10.37 7.93
N VAL G 98 -17.73 -11.60 8.38
CA VAL G 98 -16.54 -12.43 8.12
C VAL G 98 -16.94 -13.82 7.66
N LEU G 99 -16.02 -14.60 7.08
CA LEU G 99 -16.30 -16.02 6.83
C LEU G 99 -16.42 -16.80 8.15
N PRO G 100 -17.38 -17.73 8.29
CA PRO G 100 -17.37 -18.73 9.35
C PRO G 100 -16.07 -19.54 9.31
N ASN G 101 -15.25 -19.43 10.34
CA ASN G 101 -13.94 -20.07 10.45
C ASN G 101 -13.49 -20.17 11.92
N ILE G 102 -13.45 -21.38 12.46
CA ILE G 102 -12.91 -21.72 13.78
C ILE G 102 -11.62 -22.51 13.61
N GLN G 103 -10.55 -22.11 14.29
CA GLN G 103 -9.28 -22.84 14.26
C GLN G 103 -9.45 -24.25 14.84
N SER G 104 -8.91 -25.27 14.16
CA SER G 104 -9.19 -26.68 14.46
C SER G 104 -8.85 -27.08 15.90
N VAL G 105 -7.77 -26.52 16.46
CA VAL G 105 -7.31 -26.75 17.85
C VAL G 105 -8.31 -26.31 18.92
N LEU G 106 -9.23 -25.40 18.59
CA LEU G 106 -10.22 -24.84 19.51
C LEU G 106 -11.49 -25.69 19.61
N LEU G 107 -11.77 -26.53 18.62
CA LEU G 107 -12.94 -27.41 18.60
C LEU G 107 -12.85 -28.49 19.70
N PRO G 108 -13.99 -28.91 20.29
CA PRO G 108 -14.00 -29.84 21.41
C PRO G 108 -13.60 -31.23 20.94
N LYS G 109 -12.84 -31.94 21.78
CA LYS G 109 -12.38 -33.31 21.49
C LYS G 109 -13.54 -34.31 21.59
N LYS G 110 -13.63 -35.21 20.61
CA LYS G 110 -14.61 -36.31 20.52
C LYS G 110 -13.95 -37.64 20.15
N ARG H 1 -36.46 23.74 -5.01
CA ARG H 1 -36.12 23.17 -6.34
C ARG H 1 -35.56 21.76 -6.19
N ARG H 2 -35.72 20.88 -7.20
CA ARG H 2 -35.18 19.50 -7.15
C ARG H 2 -33.65 19.45 -7.00
N LYS H 3 -33.17 18.41 -6.32
CA LYS H 3 -31.76 18.19 -5.95
C LYS H 3 -30.86 17.95 -7.16
N THR H 4 -29.58 18.35 -7.07
CA THR H 4 -28.61 18.20 -8.16
C THR H 4 -28.31 16.74 -8.47
N ARG H 5 -28.08 16.44 -9.76
CA ARG H 5 -27.61 15.15 -10.26
C ARG H 5 -26.40 14.63 -9.47
N LYS H 6 -26.54 13.46 -8.84
CA LYS H 6 -25.43 12.61 -8.40
C LYS H 6 -25.31 11.45 -9.38
N GLU H 7 -24.19 11.41 -10.07
CA GLU H 7 -23.87 10.40 -11.07
C GLU H 7 -23.51 9.05 -10.41
N SER H 8 -23.98 7.92 -10.97
CA SER H 8 -23.84 6.60 -10.36
C SER H 8 -23.69 5.49 -11.40
N TYR H 9 -23.06 4.38 -11.05
CA TYR H 9 -23.06 3.18 -11.90
C TYR H 9 -24.29 2.27 -11.69
N ALA H 10 -25.19 2.62 -10.77
CA ALA H 10 -26.26 1.72 -10.31
C ALA H 10 -27.14 1.12 -11.43
N ILE H 11 -27.55 1.91 -12.44
CA ILE H 11 -28.39 1.37 -13.53
C ILE H 11 -27.65 0.35 -14.40
N TYR H 12 -26.34 0.47 -14.57
CA TYR H 12 -25.53 -0.48 -15.35
C TYR H 12 -25.23 -1.73 -14.52
N VAL H 13 -24.93 -1.58 -13.23
CA VAL H 13 -24.83 -2.71 -12.30
C VAL H 13 -26.15 -3.50 -12.31
N TYR H 14 -27.30 -2.83 -12.31
CA TYR H 14 -28.59 -3.48 -12.39
C TYR H 14 -28.83 -4.18 -13.74
N LYS H 15 -28.45 -3.56 -14.87
CA LYS H 15 -28.48 -4.21 -16.20
C LYS H 15 -27.63 -5.48 -16.22
N VAL H 16 -26.43 -5.46 -15.64
CA VAL H 16 -25.57 -6.64 -15.54
C VAL H 16 -26.15 -7.69 -14.60
N LEU H 17 -26.72 -7.31 -13.45
CA LEU H 17 -27.43 -8.24 -12.58
C LEU H 17 -28.57 -8.95 -13.31
N LYS H 18 -29.42 -8.22 -14.02
CA LYS H 18 -30.52 -8.81 -14.81
C LYS H 18 -30.03 -9.77 -15.89
N GLN H 19 -28.80 -9.66 -16.39
CA GLN H 19 -28.21 -10.67 -17.27
C GLN H 19 -27.73 -11.92 -16.51
N VAL H 20 -26.93 -11.80 -15.46
CA VAL H 20 -26.37 -12.99 -14.76
C VAL H 20 -27.40 -13.73 -13.89
N HIS H 21 -28.38 -13.02 -13.34
CA HIS H 21 -29.42 -13.51 -12.45
C HIS H 21 -30.73 -12.72 -12.65
N PRO H 22 -31.56 -13.04 -13.66
CA PRO H 22 -32.73 -12.23 -14.02
C PRO H 22 -33.78 -12.07 -12.93
N ASP H 23 -33.96 -13.06 -12.06
CA ASP H 23 -34.94 -13.03 -10.96
C ASP H 23 -34.38 -12.48 -9.62
N THR H 24 -33.06 -12.30 -9.50
CA THR H 24 -32.42 -11.75 -8.29
C THR H 24 -32.50 -10.23 -8.27
N GLY H 25 -32.76 -9.65 -7.10
CA GLY H 25 -32.69 -8.20 -6.86
C GLY H 25 -31.44 -7.80 -6.10
N ILE H 26 -31.29 -6.52 -5.78
CA ILE H 26 -30.17 -6.02 -4.97
C ILE H 26 -30.63 -4.91 -4.02
N SER H 27 -30.12 -4.92 -2.80
CA SER H 27 -30.37 -3.85 -1.83
C SER H 27 -29.59 -2.59 -2.19
N SER H 28 -30.02 -1.42 -1.72
CA SER H 28 -29.33 -0.16 -1.98
C SER H 28 -27.96 -0.08 -1.28
N LYS H 29 -27.78 -0.75 -0.14
CA LYS H 29 -26.46 -0.91 0.50
C LYS H 29 -25.52 -1.72 -0.38
N ALA H 30 -25.96 -2.88 -0.87
CA ALA H 30 -25.19 -3.69 -1.81
C ALA H 30 -24.91 -2.96 -3.13
N MET H 31 -25.87 -2.19 -3.65
CA MET H 31 -25.65 -1.33 -4.81
C MET H 31 -24.61 -0.23 -4.55
N SER H 32 -24.62 0.40 -3.38
CA SER H 32 -23.61 1.36 -2.97
C SER H 32 -22.21 0.73 -2.94
N ILE H 33 -22.07 -0.49 -2.40
CA ILE H 33 -20.81 -1.24 -2.46
C ILE H 33 -20.39 -1.52 -3.90
N MET H 34 -21.31 -1.93 -4.78
CA MET H 34 -20.99 -2.15 -6.19
C MET H 34 -20.53 -0.88 -6.90
N ASN H 35 -21.15 0.25 -6.61
CA ASN H 35 -20.72 1.54 -7.12
C ASN H 35 -19.30 1.89 -6.63
N SER H 36 -18.99 1.69 -5.34
CA SER H 36 -17.64 1.86 -4.81
C SER H 36 -16.63 0.92 -5.47
N PHE H 37 -16.97 -0.35 -5.69
CA PHE H 37 -16.13 -1.31 -6.40
C PHE H 37 -15.80 -0.84 -7.83
N VAL H 38 -16.79 -0.40 -8.59
CA VAL H 38 -16.56 0.09 -9.95
C VAL H 38 -15.66 1.32 -9.95
N ASN H 39 -15.92 2.29 -9.09
CA ASN H 39 -15.08 3.49 -8.98
C ASN H 39 -13.64 3.16 -8.58
N ASP H 40 -13.44 2.23 -7.64
CA ASP H 40 -12.13 1.82 -7.19
C ASP H 40 -11.33 1.14 -8.32
N VAL H 41 -11.91 0.15 -8.99
CA VAL H 41 -11.26 -0.56 -10.10
C VAL H 41 -10.98 0.37 -11.27
N PHE H 42 -11.90 1.29 -11.62
CA PHE H 42 -11.64 2.32 -12.62
C PHE H 42 -10.40 3.15 -12.27
N GLU H 43 -10.31 3.68 -11.04
CA GLU H 43 -9.19 4.50 -10.59
C GLU H 43 -7.87 3.71 -10.56
N ARG H 44 -7.89 2.44 -10.13
CA ARG H 44 -6.70 1.59 -10.19
C ARG H 44 -6.22 1.39 -11.62
N ILE H 45 -7.09 0.98 -12.54
CA ILE H 45 -6.70 0.72 -13.93
C ILE H 45 -6.25 2.00 -14.63
N ALA H 46 -7.00 3.08 -14.53
CA ALA H 46 -6.65 4.36 -15.15
C ALA H 46 -5.34 4.92 -14.58
N GLY H 47 -5.11 4.80 -13.27
CA GLY H 47 -3.86 5.17 -12.61
C GLY H 47 -2.65 4.35 -13.07
N GLU H 48 -2.78 3.04 -13.23
CA GLU H 48 -1.68 2.25 -13.77
C GLU H 48 -1.46 2.50 -15.27
N ALA H 49 -2.51 2.67 -16.06
CA ALA H 49 -2.42 3.07 -17.46
C ALA H 49 -1.72 4.42 -17.61
N SER H 50 -2.03 5.36 -16.71
CA SER H 50 -1.37 6.67 -16.59
C SER H 50 0.12 6.57 -16.31
N ARG H 51 0.54 5.75 -15.35
CA ARG H 51 1.95 5.45 -15.10
C ARG H 51 2.62 4.81 -16.31
N LEU H 52 1.99 3.83 -16.94
CA LEU H 52 2.51 3.18 -18.15
C LEU H 52 2.74 4.15 -19.32
N ALA H 53 1.83 5.09 -19.56
CA ALA H 53 2.01 6.12 -20.58
C ALA H 53 3.20 7.04 -20.26
N HIS H 54 3.29 7.52 -19.01
CA HIS H 54 4.38 8.36 -18.54
C HIS H 54 5.76 7.66 -18.61
N TYR H 55 5.88 6.41 -18.14
CA TYR H 55 7.14 5.65 -18.20
C TYR H 55 7.67 5.51 -19.62
N ASN H 56 6.78 5.34 -20.60
CA ASN H 56 7.11 5.15 -22.01
C ASN H 56 7.18 6.46 -22.83
N LYS H 57 7.12 7.63 -22.18
CA LYS H 57 7.18 8.96 -22.81
C LYS H 57 6.02 9.26 -23.78
N ARG H 58 4.83 8.71 -23.53
CA ARG H 58 3.64 8.80 -24.38
C ARG H 58 2.62 9.80 -23.82
N SER H 59 2.01 10.61 -24.67
CA SER H 59 0.89 11.51 -24.31
C SER H 59 -0.47 10.82 -24.22
N THR H 60 -0.67 9.66 -24.84
CA THR H 60 -2.00 9.03 -24.99
C THR H 60 -2.15 7.78 -24.13
N ILE H 61 -3.22 7.67 -23.35
CA ILE H 61 -3.67 6.36 -22.85
C ILE H 61 -4.50 5.68 -23.92
N THR H 62 -4.05 4.52 -24.41
CA THR H 62 -4.73 3.74 -25.45
C THR H 62 -5.31 2.45 -24.87
N SER H 63 -6.04 1.68 -25.69
CA SER H 63 -6.46 0.31 -25.38
C SER H 63 -5.29 -0.59 -24.92
N ARG H 64 -4.07 -0.37 -25.46
CA ARG H 64 -2.86 -1.08 -25.08
C ARG H 64 -2.38 -0.76 -23.65
N GLU H 65 -2.38 0.51 -23.21
CA GLU H 65 -2.11 0.84 -21.81
C GLU H 65 -3.15 0.21 -20.86
N ILE H 66 -4.44 0.25 -21.23
CA ILE H 66 -5.49 -0.36 -20.39
C ILE H 66 -5.24 -1.87 -20.27
N GLN H 67 -4.90 -2.56 -21.35
CA GLN H 67 -4.59 -3.99 -21.34
C GLN H 67 -3.42 -4.35 -20.42
N THR H 68 -2.33 -3.59 -20.46
CA THR H 68 -1.18 -3.84 -19.57
C THR H 68 -1.52 -3.50 -18.12
N ALA H 69 -2.25 -2.43 -17.86
CA ALA H 69 -2.73 -2.11 -16.51
C ALA H 69 -3.62 -3.22 -15.94
N VAL H 70 -4.50 -3.81 -16.74
CA VAL H 70 -5.35 -4.93 -16.35
C VAL H 70 -4.53 -6.18 -16.04
N ARG H 71 -3.53 -6.49 -16.86
CA ARG H 71 -2.56 -7.57 -16.60
C ARG H 71 -1.75 -7.37 -15.33
N LEU H 72 -1.35 -6.14 -15.00
CA LEU H 72 -0.66 -5.82 -13.77
C LEU H 72 -1.58 -5.91 -12.54
N LEU H 73 -2.80 -5.37 -12.60
CA LEU H 73 -3.67 -5.23 -11.43
C LEU H 73 -4.51 -6.46 -11.09
N LEU H 74 -5.06 -7.18 -12.07
CA LEU H 74 -5.93 -8.32 -11.80
C LEU H 74 -5.11 -9.61 -11.59
N PRO H 75 -5.41 -10.44 -10.58
CA PRO H 75 -4.70 -11.68 -10.35
C PRO H 75 -5.21 -12.82 -11.25
N GLY H 76 -4.31 -13.70 -11.69
CA GLY H 76 -4.65 -15.03 -12.23
C GLY H 76 -5.63 -15.02 -13.40
N GLU H 77 -6.71 -15.80 -13.29
CA GLU H 77 -7.72 -15.96 -14.33
C GLU H 77 -8.62 -14.72 -14.48
N LEU H 78 -8.75 -13.84 -13.48
CA LEU H 78 -9.48 -12.59 -13.66
C LEU H 78 -8.86 -11.74 -14.77
N ALA H 79 -7.52 -11.68 -14.83
CA ALA H 79 -6.81 -10.97 -15.87
C ALA H 79 -7.10 -11.57 -17.25
N LYS H 80 -6.96 -12.88 -17.42
CA LYS H 80 -7.21 -13.57 -18.70
C LYS H 80 -8.64 -13.36 -19.22
N HIS H 81 -9.62 -13.48 -18.35
CA HIS H 81 -11.02 -13.27 -18.71
C HIS H 81 -11.37 -11.79 -18.94
N ALA H 82 -10.83 -10.85 -18.14
CA ALA H 82 -10.99 -9.43 -18.37
C ALA H 82 -10.35 -8.96 -19.69
N VAL H 83 -9.14 -9.43 -20.00
CA VAL H 83 -8.44 -9.12 -21.25
C VAL H 83 -9.18 -9.68 -22.46
N SER H 84 -9.77 -10.86 -22.34
CA SER H 84 -10.65 -11.45 -23.36
C SER H 84 -11.84 -10.54 -23.65
N GLU H 85 -12.56 -10.10 -22.62
CA GLU H 85 -13.73 -9.23 -22.76
C GLU H 85 -13.38 -7.84 -23.31
N GLY H 86 -12.31 -7.22 -22.82
CA GLY H 86 -11.82 -5.94 -23.32
C GLY H 86 -11.43 -5.97 -24.80
N THR H 87 -10.76 -7.04 -25.24
CA THR H 87 -10.36 -7.22 -26.64
C THR H 87 -11.56 -7.50 -27.55
N LYS H 88 -12.53 -8.30 -27.09
CA LYS H 88 -13.78 -8.56 -27.80
C LYS H 88 -14.59 -7.29 -28.02
N ALA H 89 -14.70 -6.44 -26.99
CA ALA H 89 -15.42 -5.18 -27.06
C ALA H 89 -14.80 -4.20 -28.07
N VAL H 90 -13.48 -3.98 -28.02
CA VAL H 90 -12.78 -3.10 -28.97
C VAL H 90 -12.85 -3.65 -30.39
N THR H 91 -12.81 -4.97 -30.57
CA THR H 91 -13.00 -5.61 -31.89
C THR H 91 -14.40 -5.36 -32.45
N LYS H 92 -15.45 -5.54 -31.63
CA LYS H 92 -16.84 -5.28 -32.04
C LYS H 92 -17.06 -3.81 -32.35
N TYR H 93 -16.61 -2.91 -31.47
CA TYR H 93 -16.65 -1.46 -31.65
C TYR H 93 -15.92 -0.99 -32.93
N THR H 94 -14.75 -1.56 -33.24
CA THR H 94 -14.00 -1.21 -34.46
C THR H 94 -14.75 -1.66 -35.72
N SER H 95 -15.31 -2.88 -35.70
CA SER H 95 -16.10 -3.40 -36.83
C SER H 95 -17.40 -2.61 -37.09
N ALA H 96 -17.99 -2.02 -36.05
CA ALA H 96 -19.22 -1.23 -36.15
C ALA H 96 -19.03 0.15 -36.80
N LYS H 97 -17.78 0.66 -36.87
CA LYS H 97 -17.38 1.96 -37.42
C LYS H 97 -18.28 3.11 -36.92
N ALA K 1 -24.69 -12.09 -27.02
CA ALA K 1 -23.67 -12.98 -26.46
C ALA K 1 -23.47 -12.71 -24.97
N GLU K 2 -23.34 -13.78 -24.18
CA GLU K 2 -23.19 -13.74 -22.72
C GLU K 2 -21.74 -13.51 -22.27
N TYR K 3 -21.54 -13.24 -20.98
CA TYR K 3 -20.23 -13.06 -20.36
C TYR K 3 -19.43 -14.36 -20.29
N ASN K 4 -18.14 -14.28 -20.64
CA ASN K 4 -17.16 -15.35 -20.43
C ASN K 4 -16.69 -15.34 -18.97
N LEU K 5 -17.56 -15.71 -18.03
CA LEU K 5 -17.20 -15.83 -16.61
C LEU K 5 -16.31 -17.04 -16.36
N ARG K 6 -15.48 -16.97 -15.32
CA ARG K 6 -14.65 -18.12 -14.87
C ARG K 6 -15.47 -19.34 -14.45
N SER K 7 -16.73 -19.12 -14.05
CA SER K 7 -17.69 -20.13 -13.60
C SER K 7 -18.52 -20.79 -14.72
N ARG K 8 -18.45 -20.30 -15.96
CA ARG K 8 -19.37 -20.68 -17.06
C ARG K 8 -18.64 -20.90 -18.39
N ALA L 1 21.56 30.07 3.63
CA ALA L 1 20.53 30.35 4.65
C ALA L 1 20.45 29.21 5.66
N GLU L 2 19.87 29.47 6.83
CA GLU L 2 19.61 28.45 7.87
C GLU L 2 18.48 27.49 7.47
N TYR L 3 18.58 26.22 7.86
CA TYR L 3 17.48 25.24 7.81
C TYR L 3 16.90 25.04 9.20
N ASN L 4 15.57 25.12 9.33
CA ASN L 4 14.85 24.78 10.54
C ASN L 4 14.77 23.25 10.70
N LEU L 5 15.90 22.59 10.88
CA LEU L 5 15.96 21.15 11.12
C LEU L 5 15.44 20.78 12.51
N ARG L 6 14.90 19.57 12.68
CA ARG L 6 14.47 19.04 13.99
C ARG L 6 15.60 18.96 15.04
N SER L 7 16.85 18.98 14.59
CA SER L 7 18.06 18.96 15.42
C SER L 7 18.46 20.33 16.01
N ARG L 8 17.88 21.45 15.54
CA ARG L 8 18.27 22.83 15.92
C ARG L 8 17.28 23.47 16.90
#